data_7CZ6
# 
_entry.id   7CZ6 
# 
_audit_conform.dict_name       mmcif_pdbx.dic 
_audit_conform.dict_version    5.387 
_audit_conform.dict_location   http://mmcif.pdb.org/dictionaries/ascii/mmcif_pdbx.dic 
# 
loop_
_database_2.database_id 
_database_2.database_code 
_database_2.pdbx_database_accession 
_database_2.pdbx_DOI 
PDB   7CZ6         pdb_00007cz6 10.2210/pdb7cz6/pdb 
WWPDB D_1300017814 ?            ?                   
EMDB  EMD-30507    ?            ?                   
# 
loop_
_pdbx_audit_revision_history.ordinal 
_pdbx_audit_revision_history.data_content_type 
_pdbx_audit_revision_history.major_revision 
_pdbx_audit_revision_history.minor_revision 
_pdbx_audit_revision_history.revision_date 
1 'Structure model' 1 0 2021-03-03 
2 'Structure model' 1 1 2021-03-31 
3 'Structure model' 1 2 2024-03-27 
# 
_pdbx_audit_revision_details.ordinal             1 
_pdbx_audit_revision_details.revision_ordinal    1 
_pdbx_audit_revision_details.data_content_type   'Structure model' 
_pdbx_audit_revision_details.provider            repository 
_pdbx_audit_revision_details.type                'Initial release' 
_pdbx_audit_revision_details.description         ? 
_pdbx_audit_revision_details.details             ? 
# 
loop_
_pdbx_audit_revision_group.ordinal 
_pdbx_audit_revision_group.revision_ordinal 
_pdbx_audit_revision_group.data_content_type 
_pdbx_audit_revision_group.group 
1 2 'Structure model' 'Database references'  
2 3 'Structure model' 'Data collection'      
3 3 'Structure model' 'Database references'  
4 3 'Structure model' 'Derived calculations' 
# 
loop_
_pdbx_audit_revision_category.ordinal 
_pdbx_audit_revision_category.revision_ordinal 
_pdbx_audit_revision_category.data_content_type 
_pdbx_audit_revision_category.category 
1 2 'Structure model' citation              
2 2 'Structure model' citation_author       
3 3 'Structure model' chem_comp_atom        
4 3 'Structure model' chem_comp_bond        
5 3 'Structure model' database_2            
6 3 'Structure model' pdbx_struct_oper_list 
# 
loop_
_pdbx_audit_revision_item.ordinal 
_pdbx_audit_revision_item.revision_ordinal 
_pdbx_audit_revision_item.data_content_type 
_pdbx_audit_revision_item.item 
1  2 'Structure model' '_citation.country'                         
2  2 'Structure model' '_citation.journal_abbrev'                  
3  2 'Structure model' '_citation.journal_id_CSD'                  
4  2 'Structure model' '_citation.journal_id_ISSN'                 
5  2 'Structure model' '_citation.journal_volume'                  
6  2 'Structure model' '_citation.page_first'                      
7  2 'Structure model' '_citation.page_last'                       
8  2 'Structure model' '_citation.pdbx_database_id_DOI'            
9  2 'Structure model' '_citation.pdbx_database_id_PubMed'         
10 2 'Structure model' '_citation.title'                           
11 2 'Structure model' '_citation.year'                            
12 3 'Structure model' '_database_2.pdbx_DOI'                      
13 3 'Structure model' '_database_2.pdbx_database_accession'       
14 3 'Structure model' '_pdbx_struct_oper_list.name'               
15 3 'Structure model' '_pdbx_struct_oper_list.symmetry_operation' 
16 3 'Structure model' '_pdbx_struct_oper_list.type'               
# 
_pdbx_database_status.status_code                     REL 
_pdbx_database_status.status_code_sf                  ? 
_pdbx_database_status.status_code_mr                  ? 
_pdbx_database_status.entry_id                        7CZ6 
_pdbx_database_status.recvd_initial_deposition_date   2020-09-07 
_pdbx_database_status.SG_entry                        N 
_pdbx_database_status.deposit_site                    PDBJ 
_pdbx_database_status.process_site                    PDBJ 
_pdbx_database_status.status_code_cs                  ? 
_pdbx_database_status.status_code_nmr_data            ? 
_pdbx_database_status.methods_development_category    ? 
_pdbx_database_status.pdb_format_compatible           Y 
# 
_pdbx_database_related.db_name        EMDB 
_pdbx_database_related.details        'OmRV-LZ protrusion' 
_pdbx_database_related.db_id          EMD-30507 
_pdbx_database_related.content_type   'associated EM volume' 
# 
loop_
_audit_author.name 
_audit_author.pdbx_ordinal 
_audit_author.identifier_ORCID 
'Shao, Q.' 1 0000-0001-9937-0631 
'Jia, X.'  2 0000-0003-2546-2685 
'Gao, Y.'  3 0000-0001-5593-0772 
'Liu, Z.'  4 0000-0002-8658-0506 
# 
_citation.abstract                  ? 
_citation.abstract_id_CAS           ? 
_citation.book_id_ISBN              ? 
_citation.book_publisher            ? 
_citation.book_publisher_city       ? 
_citation.book_title                ? 
_citation.coordinate_linkage        ? 
_citation.country                   US 
_citation.database_id_Medline       ? 
_citation.details                   ? 
_citation.id                        primary 
_citation.journal_abbrev            'Plos Pathog.' 
_citation.journal_id_ASTM           ? 
_citation.journal_id_CSD            ? 
_citation.journal_id_ISSN           1553-7374 
_citation.journal_full              ? 
_citation.journal_issue             ? 
_citation.journal_volume            17 
_citation.language                  ? 
_citation.page_first                e1009396 
_citation.page_last                 e1009396 
_citation.title                     
'Cryo-EM reveals a previously unrecognized structural protein of a dsRNA virus implicated in its extracellular transmission.' 
_citation.year                      2021 
_citation.database_id_CSD           ? 
_citation.pdbx_database_id_DOI      10.1371/journal.ppat.1009396 
_citation.pdbx_database_id_PubMed   33730056 
_citation.unpublished_flag          ? 
# 
loop_
_citation_author.citation_id 
_citation_author.name 
_citation_author.ordinal 
_citation_author.identifier_ORCID 
primary 'Shao, Q.'  1  0000-0001-9937-0631 
primary 'Jia, X.'   2  0000-0003-2546-2685 
primary 'Gao, Y.'   3  0000-0001-5593-0772 
primary 'Liu, Z.'   4  0000-0002-8658-0506 
primary 'Zhang, H.' 5  ?                   
primary 'Tan, Q.'   6  0000-0001-9071-5541 
primary 'Zhang, X.' 7  0000-0001-9253-8729 
primary 'Zhou, H.'  8  0000-0003-1424-5108 
primary 'Li, Y.'    9  ?                   
primary 'Zhang, Q.' 10 ?                   
# 
_entity.id                         1 
_entity.type                       polymer 
_entity.src_method                 nat 
_entity.pdbx_description           'Capsid protein' 
_entity.formula_weight             12917.530 
_entity.pdbx_number_of_molecules   1 
_entity.pdbx_ec                    ? 
_entity.pdbx_mutation              ? 
_entity.pdbx_fragment              ? 
_entity.details                    ? 
# 
_entity_poly.entity_id                      1 
_entity_poly.type                           'polypeptide(L)' 
_entity_poly.nstd_linkage                   no 
_entity_poly.nstd_monomer                   no 
_entity_poly.pdbx_seq_one_letter_code       
;IDCDSSVFGNNFNITTSPQTLTMSGPLAPGKYQTTLTVQALIGGTGVVVGTVTFAGKTVAYQVFDDSFASFDLGTVTVSA
STTPSVIWTGSTGATLTMAVNIICKPITPTSVAISGQPIWTTPYAP
;
_entity_poly.pdbx_seq_one_letter_code_can   
;IDCDSSVFGNNFNITTSPQTLTMSGPLAPGKYQTTLTVQALIGGTGVVVGTVTFAGKTVAYQVFDDSFASFDLGTVTVSA
STTPSVIWTGSTGATLTMAVNIICKPITPTSVAISGQPIWTTPYAP
;
_entity_poly.pdbx_strand_id                 C 
_entity_poly.pdbx_target_identifier         ? 
# 
loop_
_entity_poly_seq.entity_id 
_entity_poly_seq.num 
_entity_poly_seq.mon_id 
_entity_poly_seq.hetero 
1 1   ILE n 
1 2   ASP n 
1 3   CYS n 
1 4   ASP n 
1 5   SER n 
1 6   SER n 
1 7   VAL n 
1 8   PHE n 
1 9   GLY n 
1 10  ASN n 
1 11  ASN n 
1 12  PHE n 
1 13  ASN n 
1 14  ILE n 
1 15  THR n 
1 16  THR n 
1 17  SER n 
1 18  PRO n 
1 19  GLN n 
1 20  THR n 
1 21  LEU n 
1 22  THR n 
1 23  MET n 
1 24  SER n 
1 25  GLY n 
1 26  PRO n 
1 27  LEU n 
1 28  ALA n 
1 29  PRO n 
1 30  GLY n 
1 31  LYS n 
1 32  TYR n 
1 33  GLN n 
1 34  THR n 
1 35  THR n 
1 36  LEU n 
1 37  THR n 
1 38  VAL n 
1 39  GLN n 
1 40  ALA n 
1 41  LEU n 
1 42  ILE n 
1 43  GLY n 
1 44  GLY n 
1 45  THR n 
1 46  GLY n 
1 47  VAL n 
1 48  VAL n 
1 49  VAL n 
1 50  GLY n 
1 51  THR n 
1 52  VAL n 
1 53  THR n 
1 54  PHE n 
1 55  ALA n 
1 56  GLY n 
1 57  LYS n 
1 58  THR n 
1 59  VAL n 
1 60  ALA n 
1 61  TYR n 
1 62  GLN n 
1 63  VAL n 
1 64  PHE n 
1 65  ASP n 
1 66  ASP n 
1 67  SER n 
1 68  PHE n 
1 69  ALA n 
1 70  SER n 
1 71  PHE n 
1 72  ASP n 
1 73  LEU n 
1 74  GLY n 
1 75  THR n 
1 76  VAL n 
1 77  THR n 
1 78  VAL n 
1 79  SER n 
1 80  ALA n 
1 81  SER n 
1 82  THR n 
1 83  THR n 
1 84  PRO n 
1 85  SER n 
1 86  VAL n 
1 87  ILE n 
1 88  TRP n 
1 89  THR n 
1 90  GLY n 
1 91  SER n 
1 92  THR n 
1 93  GLY n 
1 94  ALA n 
1 95  THR n 
1 96  LEU n 
1 97  THR n 
1 98  MET n 
1 99  ALA n 
1 100 VAL n 
1 101 ASN n 
1 102 ILE n 
1 103 ILE n 
1 104 CYS n 
1 105 LYS n 
1 106 PRO n 
1 107 ILE n 
1 108 THR n 
1 109 PRO n 
1 110 THR n 
1 111 SER n 
1 112 VAL n 
1 113 ALA n 
1 114 ILE n 
1 115 SER n 
1 116 GLY n 
1 117 GLN n 
1 118 PRO n 
1 119 ILE n 
1 120 TRP n 
1 121 THR n 
1 122 THR n 
1 123 PRO n 
1 124 TYR n 
1 125 ALA n 
1 126 PRO n 
# 
_entity_src_nat.entity_id                  1 
_entity_src_nat.pdbx_src_id                1 
_entity_src_nat.pdbx_alt_source_flag       sample 
_entity_src_nat.pdbx_beg_seq_num           1 
_entity_src_nat.pdbx_end_seq_num           126 
_entity_src_nat.common_name                ? 
_entity_src_nat.pdbx_organism_scientific   'Omono River virus' 
_entity_src_nat.pdbx_ncbi_taxonomy_id      753758 
_entity_src_nat.genus                      ? 
_entity_src_nat.species                    ? 
_entity_src_nat.strain                     LZ 
_entity_src_nat.tissue                     ? 
_entity_src_nat.tissue_fraction            ? 
_entity_src_nat.pdbx_secretion             ? 
_entity_src_nat.pdbx_fragment              ? 
_entity_src_nat.pdbx_variant               ? 
_entity_src_nat.pdbx_cell_line             C6/36 
_entity_src_nat.pdbx_atcc                  CRL-1660 
_entity_src_nat.pdbx_cellular_location     ? 
_entity_src_nat.pdbx_organ                 ? 
_entity_src_nat.pdbx_organelle             ? 
_entity_src_nat.pdbx_cell                  ? 
_entity_src_nat.pdbx_plasmid_name          ? 
_entity_src_nat.pdbx_plasmid_details       ? 
_entity_src_nat.details                    ? 
# 
loop_
_chem_comp.id 
_chem_comp.type 
_chem_comp.mon_nstd_flag 
_chem_comp.name 
_chem_comp.pdbx_synonyms 
_chem_comp.formula 
_chem_comp.formula_weight 
ALA 'L-peptide linking' y ALANINE         ? 'C3 H7 N O2'     89.093  
ASN 'L-peptide linking' y ASPARAGINE      ? 'C4 H8 N2 O3'    132.118 
ASP 'L-peptide linking' y 'ASPARTIC ACID' ? 'C4 H7 N O4'     133.103 
CYS 'L-peptide linking' y CYSTEINE        ? 'C3 H7 N O2 S'   121.158 
GLN 'L-peptide linking' y GLUTAMINE       ? 'C5 H10 N2 O3'   146.144 
GLY 'peptide linking'   y GLYCINE         ? 'C2 H5 N O2'     75.067  
ILE 'L-peptide linking' y ISOLEUCINE      ? 'C6 H13 N O2'    131.173 
LEU 'L-peptide linking' y LEUCINE         ? 'C6 H13 N O2'    131.173 
LYS 'L-peptide linking' y LYSINE          ? 'C6 H15 N2 O2 1' 147.195 
MET 'L-peptide linking' y METHIONINE      ? 'C5 H11 N O2 S'  149.211 
PHE 'L-peptide linking' y PHENYLALANINE   ? 'C9 H11 N O2'    165.189 
PRO 'L-peptide linking' y PROLINE         ? 'C5 H9 N O2'     115.130 
SER 'L-peptide linking' y SERINE          ? 'C3 H7 N O3'     105.093 
THR 'L-peptide linking' y THREONINE       ? 'C4 H9 N O3'     119.119 
TRP 'L-peptide linking' y TRYPTOPHAN      ? 'C11 H12 N2 O2'  204.225 
TYR 'L-peptide linking' y TYROSINE        ? 'C9 H11 N O3'    181.189 
VAL 'L-peptide linking' y VALINE          ? 'C5 H11 N O2'    117.146 
# 
loop_
_pdbx_poly_seq_scheme.asym_id 
_pdbx_poly_seq_scheme.entity_id 
_pdbx_poly_seq_scheme.seq_id 
_pdbx_poly_seq_scheme.mon_id 
_pdbx_poly_seq_scheme.ndb_seq_num 
_pdbx_poly_seq_scheme.pdb_seq_num 
_pdbx_poly_seq_scheme.auth_seq_num 
_pdbx_poly_seq_scheme.pdb_mon_id 
_pdbx_poly_seq_scheme.auth_mon_id 
_pdbx_poly_seq_scheme.pdb_strand_id 
_pdbx_poly_seq_scheme.pdb_ins_code 
_pdbx_poly_seq_scheme.hetero 
A 1 1   ILE 1   244 244 ILE ILE C . n 
A 1 2   ASP 2   245 245 ASP ASP C . n 
A 1 3   CYS 3   246 246 CYS CYS C . n 
A 1 4   ASP 4   247 247 ASP ASP C . n 
A 1 5   SER 5   248 248 SER SER C . n 
A 1 6   SER 6   249 249 SER SER C . n 
A 1 7   VAL 7   250 250 VAL VAL C . n 
A 1 8   PHE 8   251 251 PHE PHE C . n 
A 1 9   GLY 9   252 252 GLY GLY C . n 
A 1 10  ASN 10  253 253 ASN ASN C . n 
A 1 11  ASN 11  254 254 ASN ASN C . n 
A 1 12  PHE 12  255 255 PHE PHE C . n 
A 1 13  ASN 13  256 256 ASN ASN C . n 
A 1 14  ILE 14  257 257 ILE ILE C . n 
A 1 15  THR 15  258 258 THR THR C . n 
A 1 16  THR 16  259 259 THR THR C . n 
A 1 17  SER 17  260 260 SER SER C . n 
A 1 18  PRO 18  261 261 PRO PRO C . n 
A 1 19  GLN 19  262 262 GLN GLN C . n 
A 1 20  THR 20  263 263 THR THR C . n 
A 1 21  LEU 21  264 264 LEU LEU C . n 
A 1 22  THR 22  265 265 THR THR C . n 
A 1 23  MET 23  266 266 MET MET C . n 
A 1 24  SER 24  267 267 SER SER C . n 
A 1 25  GLY 25  268 268 GLY GLY C . n 
A 1 26  PRO 26  269 269 PRO PRO C . n 
A 1 27  LEU 27  270 270 LEU LEU C . n 
A 1 28  ALA 28  271 271 ALA ALA C . n 
A 1 29  PRO 29  272 272 PRO PRO C . n 
A 1 30  GLY 30  273 273 GLY GLY C . n 
A 1 31  LYS 31  274 274 LYS LYS C . n 
A 1 32  TYR 32  275 275 TYR TYR C . n 
A 1 33  GLN 33  276 276 GLN GLN C . n 
A 1 34  THR 34  277 277 THR THR C . n 
A 1 35  THR 35  278 278 THR THR C . n 
A 1 36  LEU 36  279 279 LEU LEU C . n 
A 1 37  THR 37  280 280 THR THR C . n 
A 1 38  VAL 38  281 281 VAL VAL C . n 
A 1 39  GLN 39  282 282 GLN GLN C . n 
A 1 40  ALA 40  283 283 ALA ALA C . n 
A 1 41  LEU 41  284 284 LEU LEU C . n 
A 1 42  ILE 42  285 285 ILE ILE C . n 
A 1 43  GLY 43  286 286 GLY GLY C . n 
A 1 44  GLY 44  287 287 GLY GLY C . n 
A 1 45  THR 45  288 288 THR THR C . n 
A 1 46  GLY 46  289 289 GLY GLY C . n 
A 1 47  VAL 47  290 290 VAL VAL C . n 
A 1 48  VAL 48  291 291 VAL VAL C . n 
A 1 49  VAL 49  292 292 VAL VAL C . n 
A 1 50  GLY 50  293 293 GLY GLY C . n 
A 1 51  THR 51  294 294 THR THR C . n 
A 1 52  VAL 52  295 295 VAL VAL C . n 
A 1 53  THR 53  296 296 THR THR C . n 
A 1 54  PHE 54  297 297 PHE PHE C . n 
A 1 55  ALA 55  298 298 ALA ALA C . n 
A 1 56  GLY 56  299 299 GLY GLY C . n 
A 1 57  LYS 57  300 300 LYS LYS C . n 
A 1 58  THR 58  301 301 THR THR C . n 
A 1 59  VAL 59  302 302 VAL VAL C . n 
A 1 60  ALA 60  303 303 ALA ALA C . n 
A 1 61  TYR 61  304 304 TYR TYR C . n 
A 1 62  GLN 62  305 305 GLN GLN C . n 
A 1 63  VAL 63  306 306 VAL VAL C . n 
A 1 64  PHE 64  307 307 PHE PHE C . n 
A 1 65  ASP 65  308 308 ASP ASP C . n 
A 1 66  ASP 66  309 309 ASP ASP C . n 
A 1 67  SER 67  310 310 SER SER C . n 
A 1 68  PHE 68  311 311 PHE PHE C . n 
A 1 69  ALA 69  312 312 ALA ALA C . n 
A 1 70  SER 70  313 313 SER SER C . n 
A 1 71  PHE 71  314 314 PHE PHE C . n 
A 1 72  ASP 72  315 315 ASP ASP C . n 
A 1 73  LEU 73  316 316 LEU LEU C . n 
A 1 74  GLY 74  317 317 GLY GLY C . n 
A 1 75  THR 75  318 318 THR THR C . n 
A 1 76  VAL 76  319 319 VAL VAL C . n 
A 1 77  THR 77  320 320 THR THR C . n 
A 1 78  VAL 78  321 321 VAL VAL C . n 
A 1 79  SER 79  322 322 SER SER C . n 
A 1 80  ALA 80  323 323 ALA ALA C . n 
A 1 81  SER 81  324 324 SER SER C . n 
A 1 82  THR 82  325 325 THR THR C . n 
A 1 83  THR 83  326 326 THR THR C . n 
A 1 84  PRO 84  327 327 PRO PRO C . n 
A 1 85  SER 85  328 328 SER SER C . n 
A 1 86  VAL 86  329 329 VAL VAL C . n 
A 1 87  ILE 87  330 330 ILE ILE C . n 
A 1 88  TRP 88  331 331 TRP TRP C . n 
A 1 89  THR 89  332 332 THR THR C . n 
A 1 90  GLY 90  333 333 GLY GLY C . n 
A 1 91  SER 91  334 334 SER SER C . n 
A 1 92  THR 92  335 335 THR THR C . n 
A 1 93  GLY 93  336 336 GLY GLY C . n 
A 1 94  ALA 94  337 337 ALA ALA C . n 
A 1 95  THR 95  338 338 THR THR C . n 
A 1 96  LEU 96  339 339 LEU LEU C . n 
A 1 97  THR 97  340 340 THR THR C . n 
A 1 98  MET 98  341 341 MET MET C . n 
A 1 99  ALA 99  342 342 ALA ALA C . n 
A 1 100 VAL 100 343 343 VAL VAL C . n 
A 1 101 ASN 101 344 344 ASN ASN C . n 
A 1 102 ILE 102 345 345 ILE ILE C . n 
A 1 103 ILE 103 346 346 ILE ILE C . n 
A 1 104 CYS 104 347 347 CYS CYS C . n 
A 1 105 LYS 105 348 348 LYS LYS C . n 
A 1 106 PRO 106 349 349 PRO PRO C . n 
A 1 107 ILE 107 350 350 ILE ILE C . n 
A 1 108 THR 108 351 351 THR THR C . n 
A 1 109 PRO 109 352 352 PRO PRO C . n 
A 1 110 THR 110 353 353 THR THR C . n 
A 1 111 SER 111 354 354 SER SER C . n 
A 1 112 VAL 112 355 355 VAL VAL C . n 
A 1 113 ALA 113 356 356 ALA ALA C . n 
A 1 114 ILE 114 357 357 ILE ILE C . n 
A 1 115 SER 115 358 358 SER SER C . n 
A 1 116 GLY 116 359 359 GLY GLY C . n 
A 1 117 GLN 117 360 360 GLN GLN C . n 
A 1 118 PRO 118 361 361 PRO PRO C . n 
A 1 119 ILE 119 362 362 ILE ILE C . n 
A 1 120 TRP 120 363 363 TRP TRP C . n 
A 1 121 THR 121 364 364 THR THR C . n 
A 1 122 THR 122 365 365 THR THR C . n 
A 1 123 PRO 123 366 366 PRO PRO C . n 
A 1 124 TYR 124 367 367 TYR TYR C . n 
A 1 125 ALA 125 368 368 ALA ALA C . n 
A 1 126 PRO 126 369 369 PRO PRO C . n 
# 
_exptl.absorpt_coefficient_mu     ? 
_exptl.absorpt_correction_T_max   ? 
_exptl.absorpt_correction_T_min   ? 
_exptl.absorpt_correction_type    ? 
_exptl.absorpt_process_details    ? 
_exptl.entry_id                   7CZ6 
_exptl.crystals_number            ? 
_exptl.details                    ? 
_exptl.method                     'ELECTRON MICROSCOPY' 
_exptl.method_details             ? 
# 
_struct.entry_id                     7CZ6 
_struct.title                        'Protrusion structure of Omono River virus' 
_struct.pdbx_model_details           ? 
_struct.pdbx_formula_weight          ? 
_struct.pdbx_formula_weight_method   ? 
_struct.pdbx_model_type_details      ? 
_struct.pdbx_CASP_flag               N 
# 
_struct_keywords.entry_id        7CZ6 
_struct_keywords.text            'Protrusion, Pentamer, five-fold vertex, VIRAL PROTEIN' 
_struct_keywords.pdbx_keywords   'VIRAL PROTEIN' 
# 
_struct_asym.id                            A 
_struct_asym.pdbx_blank_PDB_chainid_flag   N 
_struct_asym.pdbx_modified                 N 
_struct_asym.entity_id                     1 
_struct_asym.details                       ? 
# 
_struct_ref.id                         1 
_struct_ref.db_name                    PDB 
_struct_ref.db_code                    7CZ6 
_struct_ref.pdbx_db_accession          7CZ6 
_struct_ref.pdbx_db_isoform            ? 
_struct_ref.entity_id                  1 
_struct_ref.pdbx_seq_one_letter_code   ? 
_struct_ref.pdbx_align_begin           1 
# 
_struct_ref_seq.align_id                      1 
_struct_ref_seq.ref_id                        1 
_struct_ref_seq.pdbx_PDB_id_code              7CZ6 
_struct_ref_seq.pdbx_strand_id                C 
_struct_ref_seq.seq_align_beg                 1 
_struct_ref_seq.pdbx_seq_align_beg_ins_code   ? 
_struct_ref_seq.seq_align_end                 126 
_struct_ref_seq.pdbx_seq_align_end_ins_code   ? 
_struct_ref_seq.pdbx_db_accession             7CZ6 
_struct_ref_seq.db_align_beg                  244 
_struct_ref_seq.pdbx_db_align_beg_ins_code    ? 
_struct_ref_seq.db_align_end                  369 
_struct_ref_seq.pdbx_db_align_end_ins_code    ? 
_struct_ref_seq.pdbx_auth_seq_align_beg       244 
_struct_ref_seq.pdbx_auth_seq_align_end       369 
# 
loop_
_pdbx_struct_assembly.id 
_pdbx_struct_assembly.details 
_pdbx_struct_assembly.method_details 
_pdbx_struct_assembly.oligomeric_details 
_pdbx_struct_assembly.oligomeric_count 
1 'complete point assembly'                ? pentameric 5 
2 'point asymmetric unit'                  ? monomeric  1 
3 'point asymmetric unit, std point frame' ? monomeric  1 
# 
loop_
_pdbx_struct_assembly_gen.assembly_id 
_pdbx_struct_assembly_gen.oper_expression 
_pdbx_struct_assembly_gen.asym_id_list 
1 '(1-5)' A 
2 1       A 
3 P       A 
# 
_pdbx_struct_assembly_auth_evidence.id                     1 
_pdbx_struct_assembly_auth_evidence.assembly_id            1 
_pdbx_struct_assembly_auth_evidence.experimental_support   microscopy 
_pdbx_struct_assembly_auth_evidence.details                
;Reference-free 2-D data averaging.
Local refinement with C1 asymmetry.
;
# 
loop_
_pdbx_struct_oper_list.id 
_pdbx_struct_oper_list.type 
_pdbx_struct_oper_list.name 
_pdbx_struct_oper_list.symmetry_operation 
_pdbx_struct_oper_list.matrix[1][1] 
_pdbx_struct_oper_list.matrix[1][2] 
_pdbx_struct_oper_list.matrix[1][3] 
_pdbx_struct_oper_list.vector[1] 
_pdbx_struct_oper_list.matrix[2][1] 
_pdbx_struct_oper_list.matrix[2][2] 
_pdbx_struct_oper_list.matrix[2][3] 
_pdbx_struct_oper_list.vector[2] 
_pdbx_struct_oper_list.matrix[3][1] 
_pdbx_struct_oper_list.matrix[3][2] 
_pdbx_struct_oper_list.matrix[3][3] 
_pdbx_struct_oper_list.vector[3] 
P 'transform to point frame' ?     ?     -0.33193132 -0.64379882 -0.68945245 14.55082 0.20098875  -0.76237692 0.61513002  0.00006  -0.92164262 0.06560874  0.38245309  -0.00012 
1 'identity operation'       1_555 x,y,z 1.00000000  0.00000000  0.00000000  0.00000  0.00000000  1.00000000  0.00000000  0.00000  0.00000000  0.00000000  1.00000000  0.00000  
2 'point symmetry operation' ?     ?     0.89595532  -0.40551674 -0.18116358 6.11878  0.32195229  0.31199133  0.89387255  -4.07722 -0.30595882 -0.85919589 0.41008734  15.44459 
3 'point symmetry operation' ?     ?     0.72760749  -0.33418758 -0.59908764 10.45632 0.11541300  -0.80123007 0.58712027  10.42618 -0.67621534 -0.49633560 -0.54441141 23.40926 
4 'point symmetry operation' ?     ?     0.72760749  0.11541299  -0.67621533 7.01828  -0.33418759 -0.80123007 -0.49633561 23.46699 -0.59908765 0.58712027  -0.54441140 12.88709 
5 'point symmetry operation' ?     ?     0.89595532  0.32195228  -0.30595881 0.55592  -0.40551674 0.31199133  -0.85919590 17.02325 -0.18116358 0.89387255  0.41008734  -1.58062    
# 
_struct_mon_prot_cis.pdbx_id                1 
_struct_mon_prot_cis.label_comp_id          GLN 
_struct_mon_prot_cis.label_seq_id           117 
_struct_mon_prot_cis.label_asym_id          A 
_struct_mon_prot_cis.label_alt_id           . 
_struct_mon_prot_cis.pdbx_PDB_ins_code      ? 
_struct_mon_prot_cis.auth_comp_id           GLN 
_struct_mon_prot_cis.auth_seq_id            360 
_struct_mon_prot_cis.auth_asym_id           C 
_struct_mon_prot_cis.pdbx_label_comp_id_2   PRO 
_struct_mon_prot_cis.pdbx_label_seq_id_2    118 
_struct_mon_prot_cis.pdbx_label_asym_id_2   A 
_struct_mon_prot_cis.pdbx_PDB_ins_code_2    ? 
_struct_mon_prot_cis.pdbx_auth_comp_id_2    PRO 
_struct_mon_prot_cis.pdbx_auth_seq_id_2     361 
_struct_mon_prot_cis.pdbx_auth_asym_id_2    C 
_struct_mon_prot_cis.pdbx_PDB_model_num     1 
_struct_mon_prot_cis.pdbx_omega_angle       -1.84 
# 
loop_
_struct_sheet.id 
_struct_sheet.type 
_struct_sheet.number_strands 
_struct_sheet.details 
AA1 ? 4 ? 
AA2 ? 4 ? 
# 
loop_
_struct_sheet_order.sheet_id 
_struct_sheet_order.range_id_1 
_struct_sheet_order.range_id_2 
_struct_sheet_order.offset 
_struct_sheet_order.sense 
AA1 1 2 ? anti-parallel 
AA1 2 3 ? anti-parallel 
AA1 3 4 ? anti-parallel 
AA2 1 2 ? anti-parallel 
AA2 2 3 ? anti-parallel 
AA2 3 4 ? anti-parallel 
# 
loop_
_struct_sheet_range.sheet_id 
_struct_sheet_range.id 
_struct_sheet_range.beg_label_comp_id 
_struct_sheet_range.beg_label_asym_id 
_struct_sheet_range.beg_label_seq_id 
_struct_sheet_range.pdbx_beg_PDB_ins_code 
_struct_sheet_range.end_label_comp_id 
_struct_sheet_range.end_label_asym_id 
_struct_sheet_range.end_label_seq_id 
_struct_sheet_range.pdbx_end_PDB_ins_code 
_struct_sheet_range.beg_auth_comp_id 
_struct_sheet_range.beg_auth_asym_id 
_struct_sheet_range.beg_auth_seq_id 
_struct_sheet_range.end_auth_comp_id 
_struct_sheet_range.end_auth_asym_id 
_struct_sheet_range.end_auth_seq_id 
AA1 1 SER A 5  ? ASN A 11  ? SER C 248 ASN C 254 
AA1 2 MET A 98 ? PRO A 106 ? MET C 341 PRO C 349 
AA1 3 TYR A 32 ? GLN A 39  ? TYR C 275 GLN C 282 
AA1 4 ALA A 69 ? VAL A 76  ? ALA C 312 VAL C 319 
AA2 1 GLN A 19 ? LEU A 21  ? GLN C 262 LEU C 264 
AA2 2 SER A 85 ? GLY A 90  ? SER C 328 GLY C 333 
AA2 3 GLY A 50 ? THR A 53  ? GLY C 293 THR C 296 
AA2 4 THR A 58 ? ALA A 60  ? THR C 301 ALA C 303 
# 
loop_
_pdbx_struct_sheet_hbond.sheet_id 
_pdbx_struct_sheet_hbond.range_id_1 
_pdbx_struct_sheet_hbond.range_id_2 
_pdbx_struct_sheet_hbond.range_1_label_atom_id 
_pdbx_struct_sheet_hbond.range_1_label_comp_id 
_pdbx_struct_sheet_hbond.range_1_label_asym_id 
_pdbx_struct_sheet_hbond.range_1_label_seq_id 
_pdbx_struct_sheet_hbond.range_1_PDB_ins_code 
_pdbx_struct_sheet_hbond.range_1_auth_atom_id 
_pdbx_struct_sheet_hbond.range_1_auth_comp_id 
_pdbx_struct_sheet_hbond.range_1_auth_asym_id 
_pdbx_struct_sheet_hbond.range_1_auth_seq_id 
_pdbx_struct_sheet_hbond.range_2_label_atom_id 
_pdbx_struct_sheet_hbond.range_2_label_comp_id 
_pdbx_struct_sheet_hbond.range_2_label_asym_id 
_pdbx_struct_sheet_hbond.range_2_label_seq_id 
_pdbx_struct_sheet_hbond.range_2_PDB_ins_code 
_pdbx_struct_sheet_hbond.range_2_auth_atom_id 
_pdbx_struct_sheet_hbond.range_2_auth_comp_id 
_pdbx_struct_sheet_hbond.range_2_auth_asym_id 
_pdbx_struct_sheet_hbond.range_2_auth_seq_id 
AA1 1 2 N ASN A 11  ? N ASN C 254 O MET A 98 ? O MET C 341 
AA1 2 3 O ASN A 101 ? O ASN C 344 N THR A 37 ? N THR C 280 
AA1 3 4 N VAL A 38  ? N VAL C 281 O ALA A 69 ? O ALA C 312 
AA2 1 2 N THR A 20  ? N THR C 263 O VAL A 86 ? O VAL C 329 
AA2 2 3 O THR A 89  ? O THR C 332 N THR A 51 ? N THR C 294 
AA2 3 4 N VAL A 52  ? N VAL C 295 O VAL A 59 ? O VAL C 302 
# 
loop_
_pdbx_validate_torsion.id 
_pdbx_validate_torsion.PDB_model_num 
_pdbx_validate_torsion.auth_comp_id 
_pdbx_validate_torsion.auth_asym_id 
_pdbx_validate_torsion.auth_seq_id 
_pdbx_validate_torsion.PDB_ins_code 
_pdbx_validate_torsion.label_alt_id 
_pdbx_validate_torsion.phi 
_pdbx_validate_torsion.psi 
1 1 ILE C 257 ? ? -138.15 -71.55  
2 1 PHE C 297 ? ? -110.22 -78.01  
3 1 TYR C 304 ? ? -154.82 76.82   
4 1 ASP C 308 ? ? 58.86   -127.46 
5 1 PHE C 311 ? ? -163.16 113.72  
6 1 LEU C 339 ? ? -156.63 79.69   
# 
_pdbx_point_symmetry.entry_id             7CZ6 
_pdbx_point_symmetry.Schoenflies_symbol   C 
_pdbx_point_symmetry.circular_symmetry    5 
# 
_em_3d_fitting.entry_id          7CZ6 
_em_3d_fitting.id                1 
_em_3d_fitting.details           ? 
_em_3d_fitting.overall_b_value   ? 
_em_3d_fitting.ref_protocol      'AB INITIO MODEL' 
_em_3d_fitting.ref_space         REAL 
_em_3d_fitting.target_criteria   ? 
_em_3d_fitting.method            ? 
# 
_em_3d_reconstruction.entry_id                    7CZ6 
_em_3d_reconstruction.id                          1 
_em_3d_reconstruction.algorithm                   ? 
_em_3d_reconstruction.details                     ? 
_em_3d_reconstruction.refinement_type             ? 
_em_3d_reconstruction.image_processing_id         1 
_em_3d_reconstruction.num_class_averages          ? 
_em_3d_reconstruction.num_particles               38935 
_em_3d_reconstruction.resolution                  4.10 
_em_3d_reconstruction.resolution_method           'FSC 0.143 CUT-OFF' 
_em_3d_reconstruction.symmetry_type               POINT 
_em_3d_reconstruction.method                      ? 
_em_3d_reconstruction.nominal_pixel_size          ? 
_em_3d_reconstruction.actual_pixel_size           ? 
_em_3d_reconstruction.magnification_calibration   ? 
# 
_em_buffer.id            1 
_em_buffer.details       ? 
_em_buffer.pH            7.4 
_em_buffer.specimen_id   1 
_em_buffer.name          ? 
# 
_em_entity_assembly.id                   1 
_em_entity_assembly.parent_id            0 
_em_entity_assembly.details              'Protrusion structure located upon the five-fold vertex of the major capsid.' 
_em_entity_assembly.name                 'Omono River virus' 
_em_entity_assembly.source               NATURAL 
_em_entity_assembly.type                 VIRUS 
_em_entity_assembly.entity_id_list       1 
_em_entity_assembly.synonym              ? 
_em_entity_assembly.oligomeric_details   ? 
# 
_em_imaging.id                              1 
_em_imaging.entry_id                        7CZ6 
_em_imaging.accelerating_voltage            300 
_em_imaging.alignment_procedure             NONE 
_em_imaging.c2_aperture_diameter            ? 
_em_imaging.calibrated_defocus_max          ? 
_em_imaging.calibrated_defocus_min          ? 
_em_imaging.calibrated_magnification        ? 
_em_imaging.cryogen                         NITROGEN 
_em_imaging.details                         ? 
_em_imaging.electron_source                 'FIELD EMISSION GUN' 
_em_imaging.illumination_mode               'FLOOD BEAM' 
_em_imaging.microscope_model                'FEI TITAN KRIOS' 
_em_imaging.mode                            'BRIGHT FIELD' 
_em_imaging.nominal_cs                      ? 
_em_imaging.nominal_defocus_max             2500.0 
_em_imaging.nominal_defocus_min             1000.0 
_em_imaging.nominal_magnification           75000 
_em_imaging.recording_temperature_maximum   ? 
_em_imaging.recording_temperature_minimum   ? 
_em_imaging.residual_tilt                   ? 
_em_imaging.specimen_holder_model           ? 
_em_imaging.specimen_id                     1 
_em_imaging.citation_id                     ? 
_em_imaging.date                            ? 
_em_imaging.temperature                     ? 
_em_imaging.tilt_angle_min                  ? 
_em_imaging.tilt_angle_max                  ? 
_em_imaging.astigmatism                     ? 
_em_imaging.detector_distance               ? 
_em_imaging.electron_beam_tilt_params       ? 
_em_imaging.specimen_holder_type            ? 
# 
_em_sample_support.id               1 
_em_sample_support.specimen_id      1 
_em_sample_support.details          ? 
_em_sample_support.grid_material    COPPER 
_em_sample_support.grid_mesh_size   300 
_em_sample_support.grid_type        'Quantifoil R1.2/1.3' 
_em_sample_support.method           ? 
_em_sample_support.film_material    ? 
# 
_em_virus_entity.entity_assembly_id    1 
_em_virus_entity.empty                 NO 
_em_virus_entity.enveloped             NO 
_em_virus_entity.virus_isolate         STRAIN 
_em_virus_entity.virus_type            VIRION 
_em_virus_entity.id                    1 
_em_virus_entity.virus_host_category   ? 
_em_virus_entity.details               ? 
# 
_em_vitrification.id                    1 
_em_vitrification.specimen_id           1 
_em_vitrification.chamber_temperature   ? 
_em_vitrification.cryogen_name          ETHANE 
_em_vitrification.details               ? 
_em_vitrification.humidity              100 
_em_vitrification.instrument            'FEI VITROBOT MARK IV' 
_em_vitrification.entry_id              7CZ6 
_em_vitrification.citation_id           ? 
_em_vitrification.method                ? 
_em_vitrification.temp                  ? 
_em_vitrification.time_resolved_state   ? 
# 
_em_experiment.entry_id                7CZ6 
_em_experiment.id                      1 
_em_experiment.aggregation_state       PARTICLE 
_em_experiment.reconstruction_method   'SINGLE PARTICLE' 
_em_experiment.entity_assembly_id      1 
# 
_em_single_particle_entity.entry_id              7CZ6 
_em_single_particle_entity.id                    1 
_em_single_particle_entity.image_processing_id   1 
_em_single_particle_entity.point_symmetry        C5 
# 
loop_
_chem_comp_atom.comp_id 
_chem_comp_atom.atom_id 
_chem_comp_atom.type_symbol 
_chem_comp_atom.pdbx_aromatic_flag 
_chem_comp_atom.pdbx_stereo_config 
_chem_comp_atom.pdbx_ordinal 
ALA N    N N N 1   
ALA CA   C N S 2   
ALA C    C N N 3   
ALA O    O N N 4   
ALA CB   C N N 5   
ALA OXT  O N N 6   
ALA H    H N N 7   
ALA H2   H N N 8   
ALA HA   H N N 9   
ALA HB1  H N N 10  
ALA HB2  H N N 11  
ALA HB3  H N N 12  
ALA HXT  H N N 13  
ASN N    N N N 14  
ASN CA   C N S 15  
ASN C    C N N 16  
ASN O    O N N 17  
ASN CB   C N N 18  
ASN CG   C N N 19  
ASN OD1  O N N 20  
ASN ND2  N N N 21  
ASN OXT  O N N 22  
ASN H    H N N 23  
ASN H2   H N N 24  
ASN HA   H N N 25  
ASN HB2  H N N 26  
ASN HB3  H N N 27  
ASN HD21 H N N 28  
ASN HD22 H N N 29  
ASN HXT  H N N 30  
ASP N    N N N 31  
ASP CA   C N S 32  
ASP C    C N N 33  
ASP O    O N N 34  
ASP CB   C N N 35  
ASP CG   C N N 36  
ASP OD1  O N N 37  
ASP OD2  O N N 38  
ASP OXT  O N N 39  
ASP H    H N N 40  
ASP H2   H N N 41  
ASP HA   H N N 42  
ASP HB2  H N N 43  
ASP HB3  H N N 44  
ASP HD2  H N N 45  
ASP HXT  H N N 46  
CYS N    N N N 47  
CYS CA   C N R 48  
CYS C    C N N 49  
CYS O    O N N 50  
CYS CB   C N N 51  
CYS SG   S N N 52  
CYS OXT  O N N 53  
CYS H    H N N 54  
CYS H2   H N N 55  
CYS HA   H N N 56  
CYS HB2  H N N 57  
CYS HB3  H N N 58  
CYS HG   H N N 59  
CYS HXT  H N N 60  
GLN N    N N N 61  
GLN CA   C N S 62  
GLN C    C N N 63  
GLN O    O N N 64  
GLN CB   C N N 65  
GLN CG   C N N 66  
GLN CD   C N N 67  
GLN OE1  O N N 68  
GLN NE2  N N N 69  
GLN OXT  O N N 70  
GLN H    H N N 71  
GLN H2   H N N 72  
GLN HA   H N N 73  
GLN HB2  H N N 74  
GLN HB3  H N N 75  
GLN HG2  H N N 76  
GLN HG3  H N N 77  
GLN HE21 H N N 78  
GLN HE22 H N N 79  
GLN HXT  H N N 80  
GLY N    N N N 81  
GLY CA   C N N 82  
GLY C    C N N 83  
GLY O    O N N 84  
GLY OXT  O N N 85  
GLY H    H N N 86  
GLY H2   H N N 87  
GLY HA2  H N N 88  
GLY HA3  H N N 89  
GLY HXT  H N N 90  
ILE N    N N N 91  
ILE CA   C N S 92  
ILE C    C N N 93  
ILE O    O N N 94  
ILE CB   C N S 95  
ILE CG1  C N N 96  
ILE CG2  C N N 97  
ILE CD1  C N N 98  
ILE OXT  O N N 99  
ILE H    H N N 100 
ILE H2   H N N 101 
ILE HA   H N N 102 
ILE HB   H N N 103 
ILE HG12 H N N 104 
ILE HG13 H N N 105 
ILE HG21 H N N 106 
ILE HG22 H N N 107 
ILE HG23 H N N 108 
ILE HD11 H N N 109 
ILE HD12 H N N 110 
ILE HD13 H N N 111 
ILE HXT  H N N 112 
LEU N    N N N 113 
LEU CA   C N S 114 
LEU C    C N N 115 
LEU O    O N N 116 
LEU CB   C N N 117 
LEU CG   C N N 118 
LEU CD1  C N N 119 
LEU CD2  C N N 120 
LEU OXT  O N N 121 
LEU H    H N N 122 
LEU H2   H N N 123 
LEU HA   H N N 124 
LEU HB2  H N N 125 
LEU HB3  H N N 126 
LEU HG   H N N 127 
LEU HD11 H N N 128 
LEU HD12 H N N 129 
LEU HD13 H N N 130 
LEU HD21 H N N 131 
LEU HD22 H N N 132 
LEU HD23 H N N 133 
LEU HXT  H N N 134 
LYS N    N N N 135 
LYS CA   C N S 136 
LYS C    C N N 137 
LYS O    O N N 138 
LYS CB   C N N 139 
LYS CG   C N N 140 
LYS CD   C N N 141 
LYS CE   C N N 142 
LYS NZ   N N N 143 
LYS OXT  O N N 144 
LYS H    H N N 145 
LYS H2   H N N 146 
LYS HA   H N N 147 
LYS HB2  H N N 148 
LYS HB3  H N N 149 
LYS HG2  H N N 150 
LYS HG3  H N N 151 
LYS HD2  H N N 152 
LYS HD3  H N N 153 
LYS HE2  H N N 154 
LYS HE3  H N N 155 
LYS HZ1  H N N 156 
LYS HZ2  H N N 157 
LYS HZ3  H N N 158 
LYS HXT  H N N 159 
MET N    N N N 160 
MET CA   C N S 161 
MET C    C N N 162 
MET O    O N N 163 
MET CB   C N N 164 
MET CG   C N N 165 
MET SD   S N N 166 
MET CE   C N N 167 
MET OXT  O N N 168 
MET H    H N N 169 
MET H2   H N N 170 
MET HA   H N N 171 
MET HB2  H N N 172 
MET HB3  H N N 173 
MET HG2  H N N 174 
MET HG3  H N N 175 
MET HE1  H N N 176 
MET HE2  H N N 177 
MET HE3  H N N 178 
MET HXT  H N N 179 
PHE N    N N N 180 
PHE CA   C N S 181 
PHE C    C N N 182 
PHE O    O N N 183 
PHE CB   C N N 184 
PHE CG   C Y N 185 
PHE CD1  C Y N 186 
PHE CD2  C Y N 187 
PHE CE1  C Y N 188 
PHE CE2  C Y N 189 
PHE CZ   C Y N 190 
PHE OXT  O N N 191 
PHE H    H N N 192 
PHE H2   H N N 193 
PHE HA   H N N 194 
PHE HB2  H N N 195 
PHE HB3  H N N 196 
PHE HD1  H N N 197 
PHE HD2  H N N 198 
PHE HE1  H N N 199 
PHE HE2  H N N 200 
PHE HZ   H N N 201 
PHE HXT  H N N 202 
PRO N    N N N 203 
PRO CA   C N S 204 
PRO C    C N N 205 
PRO O    O N N 206 
PRO CB   C N N 207 
PRO CG   C N N 208 
PRO CD   C N N 209 
PRO OXT  O N N 210 
PRO H    H N N 211 
PRO HA   H N N 212 
PRO HB2  H N N 213 
PRO HB3  H N N 214 
PRO HG2  H N N 215 
PRO HG3  H N N 216 
PRO HD2  H N N 217 
PRO HD3  H N N 218 
PRO HXT  H N N 219 
SER N    N N N 220 
SER CA   C N S 221 
SER C    C N N 222 
SER O    O N N 223 
SER CB   C N N 224 
SER OG   O N N 225 
SER OXT  O N N 226 
SER H    H N N 227 
SER H2   H N N 228 
SER HA   H N N 229 
SER HB2  H N N 230 
SER HB3  H N N 231 
SER HG   H N N 232 
SER HXT  H N N 233 
THR N    N N N 234 
THR CA   C N S 235 
THR C    C N N 236 
THR O    O N N 237 
THR CB   C N R 238 
THR OG1  O N N 239 
THR CG2  C N N 240 
THR OXT  O N N 241 
THR H    H N N 242 
THR H2   H N N 243 
THR HA   H N N 244 
THR HB   H N N 245 
THR HG1  H N N 246 
THR HG21 H N N 247 
THR HG22 H N N 248 
THR HG23 H N N 249 
THR HXT  H N N 250 
TRP N    N N N 251 
TRP CA   C N S 252 
TRP C    C N N 253 
TRP O    O N N 254 
TRP CB   C N N 255 
TRP CG   C Y N 256 
TRP CD1  C Y N 257 
TRP CD2  C Y N 258 
TRP NE1  N Y N 259 
TRP CE2  C Y N 260 
TRP CE3  C Y N 261 
TRP CZ2  C Y N 262 
TRP CZ3  C Y N 263 
TRP CH2  C Y N 264 
TRP OXT  O N N 265 
TRP H    H N N 266 
TRP H2   H N N 267 
TRP HA   H N N 268 
TRP HB2  H N N 269 
TRP HB3  H N N 270 
TRP HD1  H N N 271 
TRP HE1  H N N 272 
TRP HE3  H N N 273 
TRP HZ2  H N N 274 
TRP HZ3  H N N 275 
TRP HH2  H N N 276 
TRP HXT  H N N 277 
TYR N    N N N 278 
TYR CA   C N S 279 
TYR C    C N N 280 
TYR O    O N N 281 
TYR CB   C N N 282 
TYR CG   C Y N 283 
TYR CD1  C Y N 284 
TYR CD2  C Y N 285 
TYR CE1  C Y N 286 
TYR CE2  C Y N 287 
TYR CZ   C Y N 288 
TYR OH   O N N 289 
TYR OXT  O N N 290 
TYR H    H N N 291 
TYR H2   H N N 292 
TYR HA   H N N 293 
TYR HB2  H N N 294 
TYR HB3  H N N 295 
TYR HD1  H N N 296 
TYR HD2  H N N 297 
TYR HE1  H N N 298 
TYR HE2  H N N 299 
TYR HH   H N N 300 
TYR HXT  H N N 301 
VAL N    N N N 302 
VAL CA   C N S 303 
VAL C    C N N 304 
VAL O    O N N 305 
VAL CB   C N N 306 
VAL CG1  C N N 307 
VAL CG2  C N N 308 
VAL OXT  O N N 309 
VAL H    H N N 310 
VAL H2   H N N 311 
VAL HA   H N N 312 
VAL HB   H N N 313 
VAL HG11 H N N 314 
VAL HG12 H N N 315 
VAL HG13 H N N 316 
VAL HG21 H N N 317 
VAL HG22 H N N 318 
VAL HG23 H N N 319 
VAL HXT  H N N 320 
# 
loop_
_chem_comp_bond.comp_id 
_chem_comp_bond.atom_id_1 
_chem_comp_bond.atom_id_2 
_chem_comp_bond.value_order 
_chem_comp_bond.pdbx_aromatic_flag 
_chem_comp_bond.pdbx_stereo_config 
_chem_comp_bond.pdbx_ordinal 
ALA N   CA   sing N N 1   
ALA N   H    sing N N 2   
ALA N   H2   sing N N 3   
ALA CA  C    sing N N 4   
ALA CA  CB   sing N N 5   
ALA CA  HA   sing N N 6   
ALA C   O    doub N N 7   
ALA C   OXT  sing N N 8   
ALA CB  HB1  sing N N 9   
ALA CB  HB2  sing N N 10  
ALA CB  HB3  sing N N 11  
ALA OXT HXT  sing N N 12  
ASN N   CA   sing N N 13  
ASN N   H    sing N N 14  
ASN N   H2   sing N N 15  
ASN CA  C    sing N N 16  
ASN CA  CB   sing N N 17  
ASN CA  HA   sing N N 18  
ASN C   O    doub N N 19  
ASN C   OXT  sing N N 20  
ASN CB  CG   sing N N 21  
ASN CB  HB2  sing N N 22  
ASN CB  HB3  sing N N 23  
ASN CG  OD1  doub N N 24  
ASN CG  ND2  sing N N 25  
ASN ND2 HD21 sing N N 26  
ASN ND2 HD22 sing N N 27  
ASN OXT HXT  sing N N 28  
ASP N   CA   sing N N 29  
ASP N   H    sing N N 30  
ASP N   H2   sing N N 31  
ASP CA  C    sing N N 32  
ASP CA  CB   sing N N 33  
ASP CA  HA   sing N N 34  
ASP C   O    doub N N 35  
ASP C   OXT  sing N N 36  
ASP CB  CG   sing N N 37  
ASP CB  HB2  sing N N 38  
ASP CB  HB3  sing N N 39  
ASP CG  OD1  doub N N 40  
ASP CG  OD2  sing N N 41  
ASP OD2 HD2  sing N N 42  
ASP OXT HXT  sing N N 43  
CYS N   CA   sing N N 44  
CYS N   H    sing N N 45  
CYS N   H2   sing N N 46  
CYS CA  C    sing N N 47  
CYS CA  CB   sing N N 48  
CYS CA  HA   sing N N 49  
CYS C   O    doub N N 50  
CYS C   OXT  sing N N 51  
CYS CB  SG   sing N N 52  
CYS CB  HB2  sing N N 53  
CYS CB  HB3  sing N N 54  
CYS SG  HG   sing N N 55  
CYS OXT HXT  sing N N 56  
GLN N   CA   sing N N 57  
GLN N   H    sing N N 58  
GLN N   H2   sing N N 59  
GLN CA  C    sing N N 60  
GLN CA  CB   sing N N 61  
GLN CA  HA   sing N N 62  
GLN C   O    doub N N 63  
GLN C   OXT  sing N N 64  
GLN CB  CG   sing N N 65  
GLN CB  HB2  sing N N 66  
GLN CB  HB3  sing N N 67  
GLN CG  CD   sing N N 68  
GLN CG  HG2  sing N N 69  
GLN CG  HG3  sing N N 70  
GLN CD  OE1  doub N N 71  
GLN CD  NE2  sing N N 72  
GLN NE2 HE21 sing N N 73  
GLN NE2 HE22 sing N N 74  
GLN OXT HXT  sing N N 75  
GLY N   CA   sing N N 76  
GLY N   H    sing N N 77  
GLY N   H2   sing N N 78  
GLY CA  C    sing N N 79  
GLY CA  HA2  sing N N 80  
GLY CA  HA3  sing N N 81  
GLY C   O    doub N N 82  
GLY C   OXT  sing N N 83  
GLY OXT HXT  sing N N 84  
ILE N   CA   sing N N 85  
ILE N   H    sing N N 86  
ILE N   H2   sing N N 87  
ILE CA  C    sing N N 88  
ILE CA  CB   sing N N 89  
ILE CA  HA   sing N N 90  
ILE C   O    doub N N 91  
ILE C   OXT  sing N N 92  
ILE CB  CG1  sing N N 93  
ILE CB  CG2  sing N N 94  
ILE CB  HB   sing N N 95  
ILE CG1 CD1  sing N N 96  
ILE CG1 HG12 sing N N 97  
ILE CG1 HG13 sing N N 98  
ILE CG2 HG21 sing N N 99  
ILE CG2 HG22 sing N N 100 
ILE CG2 HG23 sing N N 101 
ILE CD1 HD11 sing N N 102 
ILE CD1 HD12 sing N N 103 
ILE CD1 HD13 sing N N 104 
ILE OXT HXT  sing N N 105 
LEU N   CA   sing N N 106 
LEU N   H    sing N N 107 
LEU N   H2   sing N N 108 
LEU CA  C    sing N N 109 
LEU CA  CB   sing N N 110 
LEU CA  HA   sing N N 111 
LEU C   O    doub N N 112 
LEU C   OXT  sing N N 113 
LEU CB  CG   sing N N 114 
LEU CB  HB2  sing N N 115 
LEU CB  HB3  sing N N 116 
LEU CG  CD1  sing N N 117 
LEU CG  CD2  sing N N 118 
LEU CG  HG   sing N N 119 
LEU CD1 HD11 sing N N 120 
LEU CD1 HD12 sing N N 121 
LEU CD1 HD13 sing N N 122 
LEU CD2 HD21 sing N N 123 
LEU CD2 HD22 sing N N 124 
LEU CD2 HD23 sing N N 125 
LEU OXT HXT  sing N N 126 
LYS N   CA   sing N N 127 
LYS N   H    sing N N 128 
LYS N   H2   sing N N 129 
LYS CA  C    sing N N 130 
LYS CA  CB   sing N N 131 
LYS CA  HA   sing N N 132 
LYS C   O    doub N N 133 
LYS C   OXT  sing N N 134 
LYS CB  CG   sing N N 135 
LYS CB  HB2  sing N N 136 
LYS CB  HB3  sing N N 137 
LYS CG  CD   sing N N 138 
LYS CG  HG2  sing N N 139 
LYS CG  HG3  sing N N 140 
LYS CD  CE   sing N N 141 
LYS CD  HD2  sing N N 142 
LYS CD  HD3  sing N N 143 
LYS CE  NZ   sing N N 144 
LYS CE  HE2  sing N N 145 
LYS CE  HE3  sing N N 146 
LYS NZ  HZ1  sing N N 147 
LYS NZ  HZ2  sing N N 148 
LYS NZ  HZ3  sing N N 149 
LYS OXT HXT  sing N N 150 
MET N   CA   sing N N 151 
MET N   H    sing N N 152 
MET N   H2   sing N N 153 
MET CA  C    sing N N 154 
MET CA  CB   sing N N 155 
MET CA  HA   sing N N 156 
MET C   O    doub N N 157 
MET C   OXT  sing N N 158 
MET CB  CG   sing N N 159 
MET CB  HB2  sing N N 160 
MET CB  HB3  sing N N 161 
MET CG  SD   sing N N 162 
MET CG  HG2  sing N N 163 
MET CG  HG3  sing N N 164 
MET SD  CE   sing N N 165 
MET CE  HE1  sing N N 166 
MET CE  HE2  sing N N 167 
MET CE  HE3  sing N N 168 
MET OXT HXT  sing N N 169 
PHE N   CA   sing N N 170 
PHE N   H    sing N N 171 
PHE N   H2   sing N N 172 
PHE CA  C    sing N N 173 
PHE CA  CB   sing N N 174 
PHE CA  HA   sing N N 175 
PHE C   O    doub N N 176 
PHE C   OXT  sing N N 177 
PHE CB  CG   sing N N 178 
PHE CB  HB2  sing N N 179 
PHE CB  HB3  sing N N 180 
PHE CG  CD1  doub Y N 181 
PHE CG  CD2  sing Y N 182 
PHE CD1 CE1  sing Y N 183 
PHE CD1 HD1  sing N N 184 
PHE CD2 CE2  doub Y N 185 
PHE CD2 HD2  sing N N 186 
PHE CE1 CZ   doub Y N 187 
PHE CE1 HE1  sing N N 188 
PHE CE2 CZ   sing Y N 189 
PHE CE2 HE2  sing N N 190 
PHE CZ  HZ   sing N N 191 
PHE OXT HXT  sing N N 192 
PRO N   CA   sing N N 193 
PRO N   CD   sing N N 194 
PRO N   H    sing N N 195 
PRO CA  C    sing N N 196 
PRO CA  CB   sing N N 197 
PRO CA  HA   sing N N 198 
PRO C   O    doub N N 199 
PRO C   OXT  sing N N 200 
PRO CB  CG   sing N N 201 
PRO CB  HB2  sing N N 202 
PRO CB  HB3  sing N N 203 
PRO CG  CD   sing N N 204 
PRO CG  HG2  sing N N 205 
PRO CG  HG3  sing N N 206 
PRO CD  HD2  sing N N 207 
PRO CD  HD3  sing N N 208 
PRO OXT HXT  sing N N 209 
SER N   CA   sing N N 210 
SER N   H    sing N N 211 
SER N   H2   sing N N 212 
SER CA  C    sing N N 213 
SER CA  CB   sing N N 214 
SER CA  HA   sing N N 215 
SER C   O    doub N N 216 
SER C   OXT  sing N N 217 
SER CB  OG   sing N N 218 
SER CB  HB2  sing N N 219 
SER CB  HB3  sing N N 220 
SER OG  HG   sing N N 221 
SER OXT HXT  sing N N 222 
THR N   CA   sing N N 223 
THR N   H    sing N N 224 
THR N   H2   sing N N 225 
THR CA  C    sing N N 226 
THR CA  CB   sing N N 227 
THR CA  HA   sing N N 228 
THR C   O    doub N N 229 
THR C   OXT  sing N N 230 
THR CB  OG1  sing N N 231 
THR CB  CG2  sing N N 232 
THR CB  HB   sing N N 233 
THR OG1 HG1  sing N N 234 
THR CG2 HG21 sing N N 235 
THR CG2 HG22 sing N N 236 
THR CG2 HG23 sing N N 237 
THR OXT HXT  sing N N 238 
TRP N   CA   sing N N 239 
TRP N   H    sing N N 240 
TRP N   H2   sing N N 241 
TRP CA  C    sing N N 242 
TRP CA  CB   sing N N 243 
TRP CA  HA   sing N N 244 
TRP C   O    doub N N 245 
TRP C   OXT  sing N N 246 
TRP CB  CG   sing N N 247 
TRP CB  HB2  sing N N 248 
TRP CB  HB3  sing N N 249 
TRP CG  CD1  doub Y N 250 
TRP CG  CD2  sing Y N 251 
TRP CD1 NE1  sing Y N 252 
TRP CD1 HD1  sing N N 253 
TRP CD2 CE2  doub Y N 254 
TRP CD2 CE3  sing Y N 255 
TRP NE1 CE2  sing Y N 256 
TRP NE1 HE1  sing N N 257 
TRP CE2 CZ2  sing Y N 258 
TRP CE3 CZ3  doub Y N 259 
TRP CE3 HE3  sing N N 260 
TRP CZ2 CH2  doub Y N 261 
TRP CZ2 HZ2  sing N N 262 
TRP CZ3 CH2  sing Y N 263 
TRP CZ3 HZ3  sing N N 264 
TRP CH2 HH2  sing N N 265 
TRP OXT HXT  sing N N 266 
TYR N   CA   sing N N 267 
TYR N   H    sing N N 268 
TYR N   H2   sing N N 269 
TYR CA  C    sing N N 270 
TYR CA  CB   sing N N 271 
TYR CA  HA   sing N N 272 
TYR C   O    doub N N 273 
TYR C   OXT  sing N N 274 
TYR CB  CG   sing N N 275 
TYR CB  HB2  sing N N 276 
TYR CB  HB3  sing N N 277 
TYR CG  CD1  doub Y N 278 
TYR CG  CD2  sing Y N 279 
TYR CD1 CE1  sing Y N 280 
TYR CD1 HD1  sing N N 281 
TYR CD2 CE2  doub Y N 282 
TYR CD2 HD2  sing N N 283 
TYR CE1 CZ   doub Y N 284 
TYR CE1 HE1  sing N N 285 
TYR CE2 CZ   sing Y N 286 
TYR CE2 HE2  sing N N 287 
TYR CZ  OH   sing N N 288 
TYR OH  HH   sing N N 289 
TYR OXT HXT  sing N N 290 
VAL N   CA   sing N N 291 
VAL N   H    sing N N 292 
VAL N   H2   sing N N 293 
VAL CA  C    sing N N 294 
VAL CA  CB   sing N N 295 
VAL CA  HA   sing N N 296 
VAL C   O    doub N N 297 
VAL C   OXT  sing N N 298 
VAL CB  CG1  sing N N 299 
VAL CB  CG2  sing N N 300 
VAL CB  HB   sing N N 301 
VAL CG1 HG11 sing N N 302 
VAL CG1 HG12 sing N N 303 
VAL CG1 HG13 sing N N 304 
VAL CG2 HG21 sing N N 305 
VAL CG2 HG22 sing N N 306 
VAL CG2 HG23 sing N N 307 
VAL OXT HXT  sing N N 308 
# 
loop_
_em_buffer_component.buffer_id 
_em_buffer_component.id 
_em_buffer_component.concentration 
_em_buffer_component.concentration_units 
_em_buffer_component.formula 
_em_buffer_component.name 
1 1 136.89 mM NaCl    'sodium choride'                 
1 2 2.67   mM KCl     'potassium chloride'             
1 3 8.1    mM Na2HPO4 'disodium hydrogen phosphate'    
1 4 1.76   mM KH2PO4  'potassium dihydrogen phosphate' 
# 
_em_ctf_correction.id                       1 
_em_ctf_correction.em_image_processing_id   1 
_em_ctf_correction.type                     'PHASE FLIPPING AND AMPLITUDE CORRECTION' 
_em_ctf_correction.details                  ? 
# 
_em_entity_assembly_molwt.entity_assembly_id   1 
_em_entity_assembly_molwt.id                   1 
_em_entity_assembly_molwt.experimental_flag    NO 
_em_entity_assembly_molwt.units                ? 
_em_entity_assembly_molwt.value                ? 
# 
_em_entity_assembly_naturalsource.id                   2 
_em_entity_assembly_naturalsource.entity_assembly_id   1 
_em_entity_assembly_naturalsource.cell                 ? 
_em_entity_assembly_naturalsource.cellular_location    ? 
_em_entity_assembly_naturalsource.ncbi_tax_id          753758 
_em_entity_assembly_naturalsource.organ                ? 
_em_entity_assembly_naturalsource.organelle            ? 
_em_entity_assembly_naturalsource.organism             'Omono River virus' 
_em_entity_assembly_naturalsource.strain               LZ 
_em_entity_assembly_naturalsource.tissue               ? 
# 
_em_image_processing.id                   1 
_em_image_processing.image_recording_id   1 
_em_image_processing.details              ? 
# 
_em_image_recording.id                            1 
_em_image_recording.imaging_id                    1 
_em_image_recording.avg_electron_dose_per_image   39 
_em_image_recording.average_exposure_time         ? 
_em_image_recording.details                       ? 
_em_image_recording.detector_mode                 COUNTING 
_em_image_recording.film_or_detector_model        'FEI FALCON III (4k x 4k)' 
_em_image_recording.num_diffraction_images        ? 
_em_image_recording.num_grids_imaged              ? 
_em_image_recording.num_real_images               ? 
# 
_em_particle_selection.id                       1 
_em_particle_selection.image_processing_id      1 
_em_particle_selection.details                  
'Subtracted from every five-fold vertexes from 96668 virus particles. Each virus contains 12 five-fold vertexes. 96668x12=1160016.' 
_em_particle_selection.method                   ? 
_em_particle_selection.num_particles_selected   1160016 
_em_particle_selection.reference_model          ? 
# 
loop_
_em_software.id 
_em_software.category 
_em_software.details 
_em_software.name 
_em_software.version 
_em_software.image_processing_id 
_em_software.fitting_id 
_em_software.imaging_id 
1  'CRYSTALLOGRAPHY MERGING'  ? ?      ?    1 1 1 
2  'PARTICLE SELECTION'       ? ETHAN  ?    1 ? ? 
3  'IMAGE ACQUISITION'        ? EPU    ?    ? ? 1 
4  MASKING                    ? ?      ?    ? ? ? 
5  'CTF CORRECTION'           ? Gctf   ?    1 ? ? 
6  'LAYERLINE INDEXING'       ? ?      ?    ? ? ? 
7  'DIFFRACTION INDEXING'     ? ?      ?    ? ? ? 
8  'MODEL FITTING'            ? ?      ?    ? 1 ? 
9  OTHER                      ? ?      ?    ? ? ? 
10 'MODEL REFINEMENT'         ? PHENIX 1.17 ? 1 ? 
11 'INITIAL EULER ASSIGNMENT' ? RELION ?    1 ? ? 
12 'FINAL EULER ASSIGNMENT'   ? jspr   ?    1 ? ? 
13 CLASSIFICATION             ? RELION 3.1  1 ? ? 
14 RECONSTRUCTION             ? RELION 3.1  1 ? ? 
# 
_em_specimen.id                      1 
_em_specimen.experiment_id           1 
_em_specimen.concentration           ? 
_em_specimen.details                 ? 
_em_specimen.embedding_applied       NO 
_em_specimen.shadowing_applied       NO 
_em_specimen.staining_applied        NO 
_em_specimen.vitrification_applied   YES 
# 
_em_virus_natural_host.id                   1 
_em_virus_natural_host.entity_assembly_id   1 
_em_virus_natural_host.ncbi_tax_id          7176 
_em_virus_natural_host.organism             'Culex quinquefasciatus' 
_em_virus_natural_host.strain               ? 
# 
_em_virus_shell.id                   1 
_em_virus_shell.entity_assembly_id   1 
_em_virus_shell.diameter             450 
_em_virus_shell.name                 'Major capsid' 
_em_virus_shell.triangulation        1 
# 
_pdbx_audit_support.funding_organization   'National Natural Science Foundation of China (NSFC)' 
_pdbx_audit_support.country                China 
_pdbx_audit_support.grant_number           31570736 
_pdbx_audit_support.ordinal                1 
# 
_atom_sites.entry_id                    7CZ6 
_atom_sites.Cartn_transf_matrix[1][1]   ? 
_atom_sites.Cartn_transf_matrix[1][2]   ? 
_atom_sites.Cartn_transf_matrix[1][3]   ? 
_atom_sites.Cartn_transf_matrix[2][1]   ? 
_atom_sites.Cartn_transf_matrix[2][2]   ? 
_atom_sites.Cartn_transf_matrix[2][3]   ? 
_atom_sites.Cartn_transf_matrix[3][1]   ? 
_atom_sites.Cartn_transf_matrix[3][2]   ? 
_atom_sites.Cartn_transf_matrix[3][3]   ? 
_atom_sites.Cartn_transf_vector[1]      ? 
_atom_sites.Cartn_transf_vector[2]      ? 
_atom_sites.Cartn_transf_vector[3]      ? 
_atom_sites.fract_transf_matrix[1][1]   1.000000 
_atom_sites.fract_transf_matrix[1][2]   0.000000 
_atom_sites.fract_transf_matrix[1][3]   0.000000 
_atom_sites.fract_transf_matrix[2][1]   0.000000 
_atom_sites.fract_transf_matrix[2][2]   1.000000 
_atom_sites.fract_transf_matrix[2][3]   0.000000 
_atom_sites.fract_transf_matrix[3][1]   0.000000 
_atom_sites.fract_transf_matrix[3][2]   0.000000 
_atom_sites.fract_transf_matrix[3][3]   1.000000 
_atom_sites.fract_transf_vector[1]      0.00000 
_atom_sites.fract_transf_vector[2]      0.00000 
_atom_sites.fract_transf_vector[3]      0.00000 
_atom_sites.solution_primary            ? 
_atom_sites.solution_secondary          ? 
_atom_sites.solution_hydrogens          ? 
_atom_sites.special_details             ? 
# 
loop_
_atom_type.symbol 
C 
N 
O 
S 
# 
loop_
_atom_site.group_PDB 
_atom_site.id 
_atom_site.type_symbol 
_atom_site.label_atom_id 
_atom_site.label_alt_id 
_atom_site.label_comp_id 
_atom_site.label_asym_id 
_atom_site.label_entity_id 
_atom_site.label_seq_id 
_atom_site.pdbx_PDB_ins_code 
_atom_site.Cartn_x 
_atom_site.Cartn_y 
_atom_site.Cartn_z 
_atom_site.occupancy 
_atom_site.B_iso_or_equiv 
_atom_site.pdbx_formal_charge 
_atom_site.auth_seq_id 
_atom_site.auth_comp_id 
_atom_site.auth_asym_id 
_atom_site.auth_atom_id 
_atom_site.pdbx_PDB_model_num 
ATOM 1   N N   . ILE A 1 1   ? 12.167  12.994  -13.860 1.00 30.00 ? 244 ILE C N   1 
ATOM 2   C CA  . ILE A 1 1   ? 13.155  11.937  -13.699 1.00 30.00 ? 244 ILE C CA  1 
ATOM 3   C C   . ILE A 1 1   ? 12.483  10.683  -13.160 1.00 30.00 ? 244 ILE C C   1 
ATOM 4   O O   . ILE A 1 1   ? 12.135  9.772   -13.910 1.00 30.00 ? 244 ILE C O   1 
ATOM 5   C CB  . ILE A 1 1   ? 14.290  12.358  -12.742 1.00 20.00 ? 244 ILE C CB  1 
ATOM 6   C CG1 . ILE A 1 1   ? 15.004  13.597  -13.275 1.00 20.00 ? 244 ILE C CG1 1 
ATOM 7   C CG2 . ILE A 1 1   ? 15.305  11.235  -12.572 1.00 20.00 ? 244 ILE C CG2 1 
ATOM 8   C CD1 . ILE A 1 1   ? 15.977  14.199  -12.289 1.00 20.00 ? 244 ILE C CD1 1 
ATOM 9   N N   . ASP A 1 2   ? 12.299  10.663  -11.847 1.00 30.00 ? 245 ASP C N   1 
ATOM 10  C CA  . ASP A 1 2   ? 11.732  9.521   -11.152 1.00 30.00 ? 245 ASP C CA  1 
ATOM 11  C C   . ASP A 1 2   ? 10.234  9.445   -11.378 1.00 30.00 ? 245 ASP C C   1 
ATOM 12  O O   . ASP A 1 2   ? 9.582   10.456  -11.621 1.00 30.00 ? 245 ASP C O   1 
ATOM 13  C CB  . ASP A 1 2   ? 12.049  9.620   -9.665  1.00 20.00 ? 245 ASP C CB  1 
ATOM 14  C CG  . ASP A 1 2   ? 13.536  9.557   -9.396  1.00 20.00 ? 245 ASP C CG  1 
ATOM 15  O OD1 . ASP A 1 2   ? 14.281  9.116   -10.294 1.00 20.00 ? 245 ASP C OD1 1 
ATOM 16  O OD2 . ASP A 1 2   ? 13.962  9.972   -8.296  1.00 20.00 ? 245 ASP C OD2 1 
ATOM 17  N N   . CYS A 1 3   ? 9.685   8.241   -11.303 1.00 30.00 ? 246 CYS C N   1 
ATOM 18  C CA  . CYS A 1 3   ? 8.274   8.048   -11.583 1.00 30.00 ? 246 CYS C CA  1 
ATOM 19  C C   . CYS A 1 3   ? 7.496   7.762   -10.307 1.00 30.00 ? 246 CYS C C   1 
ATOM 20  O O   . CYS A 1 3   ? 8.042   7.850   -9.213  1.00 30.00 ? 246 CYS C O   1 
ATOM 21  C CB  . CYS A 1 3   ? 8.087   6.916   -12.591 1.00 20.00 ? 246 CYS C CB  1 
ATOM 22  S SG  . CYS A 1 3   ? 8.836   7.249   -14.208 1.00 20.00 ? 246 CYS C SG  1 
ATOM 23  N N   . ASP A 1 4   ? 6.214   7.448   -10.454 1.00 30.00 ? 247 ASP C N   1 
ATOM 24  C CA  . ASP A 1 4   ? 5.347   7.178   -9.318  1.00 30.00 ? 247 ASP C CA  1 
ATOM 25  C C   . ASP A 1 4   ? 4.084   6.459   -9.755  1.00 30.00 ? 247 ASP C C   1 
ATOM 26  O O   . ASP A 1 4   ? 3.718   6.505   -10.927 1.00 30.00 ? 247 ASP C O   1 
ATOM 27  C CB  . ASP A 1 4   ? 4.979   8.478   -8.617  1.00 20.00 ? 247 ASP C CB  1 
ATOM 28  C CG  . ASP A 1 4   ? 4.365   9.484   -9.563  1.00 20.00 ? 247 ASP C CG  1 
ATOM 29  O OD1 . ASP A 1 4   ? 4.394   9.245   -10.786 1.00 20.00 ? 247 ASP C OD1 1 
ATOM 30  O OD2 . ASP A 1 4   ? 3.845   10.511  -9.086  1.00 20.00 ? 247 ASP C OD2 1 
ATOM 31  N N   . SER A 1 5   ? 3.412   5.793   -8.823  1.00 30.00 ? 248 SER C N   1 
ATOM 32  C CA  . SER A 1 5   ? 2.093   5.255   -9.137  1.00 30.00 ? 248 SER C CA  1 
ATOM 33  C C   . SER A 1 5   ? 1.212   5.119   -7.909  1.00 30.00 ? 248 SER C C   1 
ATOM 34  O O   . SER A 1 5   ? 1.405   4.221   -7.091  1.00 30.00 ? 248 SER C O   1 
ATOM 35  C CB  . SER A 1 5   ? 2.221   3.906   -9.837  1.00 20.00 ? 248 SER C CB  1 
ATOM 36  O OG  . SER A 1 5   ? 2.814   4.063   -11.111 1.00 20.00 ? 248 SER C OG  1 
ATOM 37  N N   . SER A 1 6   ? 0.256   6.024   -7.776  1.00 30.00 ? 249 SER C N   1 
ATOM 38  C CA  . SER A 1 6   ? -0.721  5.944   -6.709  1.00 30.00 ? 249 SER C CA  1 
ATOM 39  C C   . SER A 1 6   ? -2.016  5.380   -7.245  1.00 30.00 ? 249 SER C C   1 
ATOM 40  O O   . SER A 1 6   ? -2.876  6.120   -7.702  1.00 30.00 ? 249 SER C O   1 
ATOM 41  C CB  . SER A 1 6   ? -0.970  7.314   -6.097  1.00 20.00 ? 249 SER C CB  1 
ATOM 42  O OG  . SER A 1 6   ? -1.558  8.181   -7.050  1.00 20.00 ? 249 SER C OG  1 
ATOM 43  N N   . VAL A 1 7   ? -2.150  4.062   -7.215  1.00 30.00 ? 250 VAL C N   1 
ATOM 44  C CA  . VAL A 1 7   ? -3.375  3.436   -7.671  1.00 30.00 ? 250 VAL C CA  1 
ATOM 45  C C   . VAL A 1 7   ? -4.344  3.428   -6.483  1.00 30.00 ? 250 VAL C C   1 
ATOM 46  O O   . VAL A 1 7   ? -3.905  3.384   -5.340  1.00 30.00 ? 250 VAL C O   1 
ATOM 47  C CB  . VAL A 1 7   ? -3.099  2.034   -8.221  1.00 20.00 ? 250 VAL C CB  1 
ATOM 48  C CG1 . VAL A 1 7   ? -4.346  1.442   -8.808  1.00 20.00 ? 250 VAL C CG1 1 
ATOM 49  C CG2 . VAL A 1 7   ? -2.003  2.086   -9.272  1.00 20.00 ? 250 VAL C CG2 1 
ATOM 50  N N   . PHE A 1 8   ? -5.650  3.467   -6.735  1.00 30.00 ? 251 PHE C N   1 
ATOM 51  C CA  . PHE A 1 8   ? -6.607  3.825   -5.685  1.00 30.00 ? 251 PHE C CA  1 
ATOM 52  C C   . PHE A 1 8   ? -8.017  3.264   -5.848  1.00 30.00 ? 251 PHE C C   1 
ATOM 53  O O   . PHE A 1 8   ? -8.411  2.865   -6.941  1.00 30.00 ? 251 PHE C O   1 
ATOM 54  C CB  . PHE A 1 8   ? -6.709  5.342   -5.611  1.00 20.00 ? 251 PHE C CB  1 
ATOM 55  C CG  . PHE A 1 8   ? -7.030  5.983   -6.931  1.00 20.00 ? 251 PHE C CG  1 
ATOM 56  C CD1 . PHE A 1 8   ? -8.336  6.070   -7.384  1.00 20.00 ? 251 PHE C CD1 1 
ATOM 57  C CD2 . PHE A 1 8   ? -6.020  6.508   -7.718  1.00 20.00 ? 251 PHE C CD2 1 
ATOM 58  C CE1 . PHE A 1 8   ? -8.626  6.660   -8.603  1.00 20.00 ? 251 PHE C CE1 1 
ATOM 59  C CE2 . PHE A 1 8   ? -6.306  7.105   -8.937  1.00 20.00 ? 251 PHE C CE2 1 
ATOM 60  C CZ  . PHE A 1 8   ? -7.610  7.180   -9.377  1.00 20.00 ? 251 PHE C CZ  1 
ATOM 61  N N   . GLY A 1 9   ? -8.794  3.273   -4.764  1.00 30.00 ? 252 GLY C N   1 
ATOM 62  C CA  . GLY A 1 9   ? -10.175 2.822   -4.843  1.00 30.00 ? 252 GLY C CA  1 
ATOM 63  C C   . GLY A 1 9   ? -11.097 3.258   -3.720  1.00 30.00 ? 252 GLY C C   1 
ATOM 64  O O   . GLY A 1 9   ? -10.687 3.390   -2.556  1.00 30.00 ? 252 GLY C O   1 
ATOM 65  N N   . ASN A 1 10  ? -12.361 3.456   -4.080  1.00 30.00 ? 253 ASN C N   1 
ATOM 66  C CA  . ASN A 1 10  ? -13.385 3.884   -3.141  1.00 30.00 ? 253 ASN C CA  1 
ATOM 67  C C   . ASN A 1 10  ? -14.601 2.974   -3.209  1.00 30.00 ? 253 ASN C C   1 
ATOM 68  O O   . ASN A 1 10  ? -15.312 2.977   -4.207  1.00 30.00 ? 253 ASN C O   1 
ATOM 69  C CB  . ASN A 1 10  ? -13.783 5.318   -3.433  1.00 20.00 ? 253 ASN C CB  1 
ATOM 70  C CG  . ASN A 1 10  ? -14.684 5.891   -2.379  1.00 20.00 ? 253 ASN C CG  1 
ATOM 71  O OD1 . ASN A 1 10  ? -14.655 5.461   -1.227  1.00 20.00 ? 253 ASN C OD1 1 
ATOM 72  N ND2 . ASN A 1 10  ? -15.484 6.875   -2.754  1.00 20.00 ? 253 ASN C ND2 1 
ATOM 73  N N   . ASN A 1 11  ? -14.848 2.206   -2.155  1.00 30.00 ? 254 ASN C N   1 
ATOM 74  C CA  . ASN A 1 11  ? -15.709 1.036   -2.299  1.00 30.00 ? 254 ASN C CA  1 
ATOM 75  C C   . ASN A 1 11  ? -16.766 0.818   -1.213  1.00 30.00 ? 254 ASN C C   1 
ATOM 76  O O   . ASN A 1 11  ? -16.933 1.638   -0.313  1.00 30.00 ? 254 ASN C O   1 
ATOM 77  C CB  . ASN A 1 11  ? -14.825 -0.204  -2.382  1.00 20.00 ? 254 ASN C CB  1 
ATOM 78  C CG  . ASN A 1 11  ? -13.966 -0.217  -3.630  1.00 20.00 ? 254 ASN C CG  1 
ATOM 79  O OD1 . ASN A 1 11  ? -14.297 0.413   -4.631  1.00 20.00 ? 254 ASN C OD1 1 
ATOM 80  N ND2 . ASN A 1 11  ? -12.851 -0.930  -3.571  1.00 20.00 ? 254 ASN C ND2 1 
ATOM 81  N N   . PHE A 1 12  ? -17.467 -0.315  -1.312  1.00 30.00 ? 255 PHE C N   1 
ATOM 82  C CA  . PHE A 1 12  ? -18.551 -0.677  -0.396  1.00 30.00 ? 255 PHE C CA  1 
ATOM 83  C C   . PHE A 1 12  ? -18.330 -2.042  0.263   1.00 30.00 ? 255 PHE C C   1 
ATOM 84  O O   . PHE A 1 12  ? -17.310 -2.684  0.044   1.00 30.00 ? 255 PHE C O   1 
ATOM 85  C CB  . PHE A 1 12  ? -19.880 -0.689  -1.139  1.00 20.00 ? 255 PHE C CB  1 
ATOM 86  C CG  . PHE A 1 12  ? -20.258 0.634   -1.717  1.00 20.00 ? 255 PHE C CG  1 
ATOM 87  C CD1 . PHE A 1 12  ? -20.888 1.588   -0.939  1.00 20.00 ? 255 PHE C CD1 1 
ATOM 88  C CD2 . PHE A 1 12  ? -19.985 0.927   -3.039  1.00 20.00 ? 255 PHE C CD2 1 
ATOM 89  C CE1 . PHE A 1 12  ? -21.238 2.811   -1.470  1.00 20.00 ? 255 PHE C CE1 1 
ATOM 90  C CE2 . PHE A 1 12  ? -20.331 2.146   -3.577  1.00 20.00 ? 255 PHE C CE2 1 
ATOM 91  C CZ  . PHE A 1 12  ? -20.958 3.090   -2.790  1.00 20.00 ? 255 PHE C CZ  1 
ATOM 92  N N   . ASN A 1 13  ? -19.299 -2.484  1.059   1.00 30.00 ? 256 ASN C N   1 
ATOM 93  C CA  . ASN A 1 13  ? -19.177 -3.753  1.773   1.00 30.00 ? 256 ASN C CA  1 
ATOM 94  C C   . ASN A 1 13  ? -20.419 -4.629  1.699   1.00 30.00 ? 256 ASN C C   1 
ATOM 95  O O   . ASN A 1 13  ? -21.513 -4.200  2.057   1.00 30.00 ? 256 ASN C O   1 
ATOM 96  C CB  . ASN A 1 13  ? -18.851 -3.490  3.238   1.00 20.00 ? 256 ASN C CB  1 
ATOM 97  C CG  . ASN A 1 13  ? -17.461 -2.949  3.428   1.00 20.00 ? 256 ASN C CG  1 
ATOM 98  O OD1 . ASN A 1 13  ? -16.578 -3.185  2.609   1.00 20.00 ? 256 ASN C OD1 1 
ATOM 99  N ND2 . ASN A 1 13  ? -17.260 -2.201  4.506   1.00 20.00 ? 256 ASN C ND2 1 
ATOM 100 N N   . ILE A 1 14  ? -20.269 -5.856  1.194   1.00 30.00 ? 257 ILE C N   1 
ATOM 101 C CA  . ILE A 1 14  ? -21.412 -6.776  1.083   1.00 30.00 ? 257 ILE C CA  1 
ATOM 102 C C   . ILE A 1 14  ? -21.100 -8.228  1.475   1.00 30.00 ? 257 ILE C C   1 
ATOM 103 O O   . ILE A 1 14  ? -21.541 -8.708  2.519   1.00 30.00 ? 257 ILE C O   1 
ATOM 104 C CB  . ILE A 1 14  ? -22.013 -6.762  -0.336  1.00 20.00 ? 257 ILE C CB  1 
ATOM 105 C CG1 . ILE A 1 14  ? -22.613 -5.389  -0.649  1.00 20.00 ? 257 ILE C CG1 1 
ATOM 106 C CG2 . ILE A 1 14  ? -23.062 -7.851  -0.484  1.00 20.00 ? 257 ILE C CG2 1 
ATOM 107 C CD1 . ILE A 1 14  ? -21.724 -4.506  -1.495  1.00 20.00 ? 257 ILE C CD1 1 
ATOM 108 N N   . THR A 1 15  ? -20.335 -8.913  0.626   1.00 30.00 ? 258 THR C N   1 
ATOM 109 C CA  . THR A 1 15  ? -19.928 -10.290 0.852   1.00 30.00 ? 258 THR C CA  1 
ATOM 110 C C   . THR A 1 15  ? -18.689 -10.367 1.725   1.00 30.00 ? 258 THR C C   1 
ATOM 111 O O   . THR A 1 15  ? -17.874 -9.453  1.729   1.00 30.00 ? 258 THR C O   1 
ATOM 112 C CB  . THR A 1 15  ? -19.638 -11.009 -0.472  1.00 20.00 ? 258 THR C CB  1 
ATOM 113 O OG1 . THR A 1 15  ? -18.569 -10.341 -1.152  1.00 20.00 ? 258 THR C OG1 1 
ATOM 114 C CG2 . THR A 1 15  ? -20.874 -10.997 -1.353  1.00 20.00 ? 258 THR C CG2 1 
ATOM 115 N N   . THR A 1 16  ? -18.554 -11.452 2.475   1.00 30.00 ? 259 THR C N   1 
ATOM 116 C CA  . THR A 1 16  ? -17.289 -11.744 3.124   1.00 30.00 ? 259 THR C CA  1 
ATOM 117 C C   . THR A 1 16  ? -16.311 -12.155 2.055   1.00 30.00 ? 259 THR C C   1 
ATOM 118 O O   . THR A 1 16  ? -16.710 -12.655 1.007   1.00 30.00 ? 259 THR C O   1 
ATOM 119 C CB  . THR A 1 16  ? -17.390 -12.859 4.155   1.00 20.00 ? 259 THR C CB  1 
ATOM 120 O OG1 . THR A 1 16  ? -17.790 -14.065 3.501   1.00 20.00 ? 259 THR C OG1 1 
ATOM 121 C CG2 . THR A 1 16  ? -18.407 -12.494 5.221   1.00 20.00 ? 259 THR C CG2 1 
ATOM 122 N N   . SER A 1 17  ? -15.036 -11.929 2.320   1.00 30.00 ? 260 SER C N   1 
ATOM 123 C CA  . SER A 1 17  ? -13.980 -12.285 1.389   1.00 30.00 ? 260 SER C CA  1 
ATOM 124 C C   . SER A 1 17  ? -14.200 -11.748 -0.028  1.00 30.00 ? 260 SER C C   1 
ATOM 125 O O   . SER A 1 17  ? -14.259 -12.527 -0.974  1.00 30.00 ? 260 SER C O   1 
ATOM 126 C CB  . SER A 1 17  ? -13.849 -13.807 1.336   1.00 20.00 ? 260 SER C CB  1 
ATOM 127 O OG  . SER A 1 17  ? -13.578 -14.341 2.617   1.00 20.00 ? 260 SER C OG  1 
ATOM 128 N N   . PRO A 1 18  ? -14.328 -10.418 -0.191  1.00 30.00 ? 261 PRO C N   1 
ATOM 129 C CA  . PRO A 1 18  ? -14.377 -9.980  -1.585  1.00 30.00 ? 261 PRO C CA  1 
ATOM 130 C C   . PRO A 1 18  ? -13.074 -9.376  -2.086  1.00 30.00 ? 261 PRO C C   1 
ATOM 131 O O   . PRO A 1 18  ? -12.233 -8.864  -1.330  1.00 30.00 ? 261 PRO C O   1 
ATOM 132 C CB  . PRO A 1 18  ? -15.471 -8.921  -1.576  1.00 20.00 ? 261 PRO C CB  1 
ATOM 133 C CG  . PRO A 1 18  ? -15.353 -8.311  -0.243  1.00 20.00 ? 261 PRO C CG  1 
ATOM 134 C CD  . PRO A 1 18  ? -14.842 -9.370  0.707   1.00 20.00 ? 261 PRO C CD  1 
ATOM 135 N N   . GLN A 1 19  ? -12.911 -9.494  -3.395  1.00 30.00 ? 262 GLN C N   1 
ATOM 136 C CA  . GLN A 1 19  ? -11.932 -8.728  -4.122  1.00 30.00 ? 262 GLN C CA  1 
ATOM 137 C C   . GLN A 1 19  ? -12.454 -7.334  -4.357  1.00 30.00 ? 262 GLN C C   1 
ATOM 138 O O   . GLN A 1 19  ? -13.660 -7.106  -4.414  1.00 30.00 ? 262 GLN C O   1 
ATOM 139 C CB  . GLN A 1 19  ? -11.611 -9.384  -5.459  1.00 20.00 ? 262 GLN C CB  1 
ATOM 140 C CG  . GLN A 1 19  ? -10.885 -10.697 -5.343  1.00 20.00 ? 262 GLN C CG  1 
ATOM 141 C CD  . GLN A 1 19  ? -10.677 -11.358 -6.688  1.00 20.00 ? 262 GLN C CD  1 
ATOM 142 O OE1 . GLN A 1 19  ? -11.429 -11.121 -7.629  1.00 20.00 ? 262 GLN C OE1 1 
ATOM 143 N NE2 . GLN A 1 19  ? -9.647  -12.192 -6.786  1.00 20.00 ? 262 GLN C NE2 1 
ATOM 144 N N   . THR A 1 20  ? -11.527 -6.403  -4.487  1.00 30.00 ? 263 THR C N   1 
ATOM 145 C CA  . THR A 1 20  ? -11.808 -5.100  -5.046  1.00 30.00 ? 263 THR C CA  1 
ATOM 146 C C   . THR A 1 20  ? -10.705 -4.810  -6.033  1.00 30.00 ? 263 THR C C   1 
ATOM 147 O O   . THR A 1 20  ? -9.550  -4.580  -5.651  1.00 30.00 ? 263 THR C O   1 
ATOM 148 C CB  . THR A 1 20  ? -11.877 -4.003  -3.989  1.00 20.00 ? 263 THR C CB  1 
ATOM 149 O OG1 . THR A 1 20  ? -10.655 -3.985  -3.244  1.00 20.00 ? 263 THR C OG1 1 
ATOM 150 C CG2 . THR A 1 20  ? -13.037 -4.240  -3.054  1.00 20.00 ? 263 THR C CG2 1 
ATOM 151 N N   . LEU A 1 21  ? -11.052 -4.900  -7.308  1.00 30.00 ? 264 LEU C N   1 
ATOM 152 C CA  . LEU A 1 21  ? -10.146 -4.511  -8.363  1.00 30.00 ? 264 LEU C CA  1 
ATOM 153 C C   . LEU A 1 21  ? -9.958  -3.019  -8.241  1.00 30.00 ? 264 LEU C C   1 
ATOM 154 O O   . LEU A 1 21  ? -10.908 -2.291  -7.973  1.00 30.00 ? 264 LEU C O   1 
ATOM 155 C CB  . LEU A 1 21  ? -10.699 -4.902  -9.726  1.00 20.00 ? 264 LEU C CB  1 
ATOM 156 C CG  . LEU A 1 21  ? -10.844 -6.417  -9.873  1.00 20.00 ? 264 LEU C CG  1 
ATOM 157 C CD1 . LEU A 1 21  ? -11.529 -6.775  -11.179 1.00 20.00 ? 264 LEU C CD1 1 
ATOM 158 C CD2 . LEU A 1 21  ? -9.485  -7.094  -9.774  1.00 20.00 ? 264 LEU C CD2 1 
ATOM 159 N N   . THR A 1 22  ? -8.733  -2.557  -8.422  1.00 30.00 ? 265 THR C N   1 
ATOM 160 C CA  . THR A 1 22  ? -8.429  -1.187  -8.064  1.00 30.00 ? 265 THR C CA  1 
ATOM 161 C C   . THR A 1 22  ? -8.638  -0.262  -9.251  1.00 30.00 ? 265 THR C C   1 
ATOM 162 O O   . THR A 1 22  ? -8.273  -0.593  -10.377 1.00 30.00 ? 265 THR C O   1 
ATOM 163 C CB  . THR A 1 22  ? -7.005  -1.065  -7.553  1.00 20.00 ? 265 THR C CB  1 
ATOM 164 O OG1 . THR A 1 22  ? -6.761  -2.109  -6.605  1.00 20.00 ? 265 THR C OG1 1 
ATOM 165 C CG2 . THR A 1 22  ? -6.844  0.245   -6.832  1.00 20.00 ? 265 THR C CG2 1 
ATOM 166 N N   . MET A 1 23  ? -9.220  0.900   -8.984  1.00 30.00 ? 266 MET C N   1 
ATOM 167 C CA  . MET A 1 23  ? -9.588  1.837   -10.037 1.00 30.00 ? 266 MET C CA  1 
ATOM 168 C C   . MET A 1 23  ? -8.401  2.369   -10.827 1.00 30.00 ? 266 MET C C   1 
ATOM 169 O O   . MET A 1 23  ? -7.381  2.741   -10.250 1.00 30.00 ? 266 MET C O   1 
ATOM 170 C CB  . MET A 1 23  ? -10.363 3.015   -9.439  1.00 20.00 ? 266 MET C CB  1 
ATOM 171 C CG  . MET A 1 23  ? -10.766 4.075   -10.449 1.00 20.00 ? 266 MET C CG  1 
ATOM 172 S SD  . MET A 1 23  ? -11.967 3.500   -11.664 1.00 20.00 ? 266 MET C SD  1 
ATOM 173 C CE  . MET A 1 23  ? -13.457 3.475   -10.671 1.00 20.00 ? 266 MET C CE  1 
ATOM 174 N N   . SER A 1 24  ? -8.556  2.393   -12.147 1.00 30.00 ? 267 SER C N   1 
ATOM 175 C CA  . SER A 1 24  ? -7.668  3.126   -13.048 1.00 30.00 ? 267 SER C CA  1 
ATOM 176 C C   . SER A 1 24  ? -6.186  2.872   -12.804 1.00 30.00 ? 267 SER C C   1 
ATOM 177 O O   . SER A 1 24  ? -5.383  3.801   -12.805 1.00 30.00 ? 267 SER C O   1 
ATOM 178 C CB  . SER A 1 24  ? -7.950  4.625   -12.940 1.00 20.00 ? 267 SER C CB  1 
ATOM 179 O OG  . SER A 1 24  ? -7.641  5.107   -11.646 1.00 20.00 ? 267 SER C OG  1 
ATOM 180 N N   . GLY A 1 25  ? -5.846  1.607   -12.605 1.00 30.00 ? 268 GLY C N   1 
ATOM 181 C CA  . GLY A 1 25  ? -4.466  1.252   -12.423 1.00 30.00 ? 268 GLY C CA  1 
ATOM 182 C C   . GLY A 1 25  ? -4.048  0.372   -13.579 1.00 30.00 ? 268 GLY C C   1 
ATOM 183 O O   . GLY A 1 25  ? -4.396  -0.806  -13.637 1.00 30.00 ? 268 GLY C O   1 
ATOM 184 N N   . PRO A 1 26  ? -3.307  0.952   -14.547 1.00 30.00 ? 269 PRO C N   1 
ATOM 185 C CA  . PRO A 1 26  ? -2.806  0.234   -15.751 1.00 30.00 ? 269 PRO C CA  1 
ATOM 186 C C   . PRO A 1 26  ? -1.705  -0.853  -15.589 1.00 30.00 ? 269 PRO C C   1 
ATOM 187 O O   . PRO A 1 26  ? -1.921  -1.966  -16.071 1.00 30.00 ? 269 PRO C O   1 
ATOM 188 C CB  . PRO A 1 26  ? -2.279  1.371   -16.632 1.00 20.00 ? 269 PRO C CB  1 
ATOM 189 C CG  . PRO A 1 26  ? -3.072  2.563   -16.216 1.00 20.00 ? 269 PRO C CG  1 
ATOM 190 C CD  . PRO A 1 26  ? -3.314  2.414   -14.742 1.00 20.00 ? 269 PRO C CD  1 
ATOM 191 N N   . LEU A 1 27  ? -0.594  -0.571  -14.901 1.00 30.00 ? 270 LEU C N   1 
ATOM 192 C CA  . LEU A 1 27  ? 0.404   -1.577  -14.582 1.00 30.00 ? 270 LEU C CA  1 
ATOM 193 C C   . LEU A 1 27  ? 1.464   -1.043  -13.636 1.00 30.00 ? 270 LEU C C   1 
ATOM 194 O O   . LEU A 1 27  ? 1.642   0.164   -13.499 1.00 30.00 ? 270 LEU C O   1 
ATOM 195 C CB  . LEU A 1 27  ? 1.086   -2.079  -15.859 1.00 20.00 ? 270 LEU C CB  1 
ATOM 196 C CG  . LEU A 1 27  ? 0.276   -2.814  -16.926 1.00 20.00 ? 270 LEU C CG  1 
ATOM 197 C CD1 . LEU A 1 27  ? 1.122   -3.059  -18.167 1.00 20.00 ? 270 LEU C CD1 1 
ATOM 198 C CD2 . LEU A 1 27  ? -0.276  -4.116  -16.389 1.00 20.00 ? 270 LEU C CD2 1 
ATOM 199 N N   . ALA A 1 28  ? 2.158   -1.956  -12.977 1.00 30.00 ? 271 ALA C N   1 
ATOM 200 C CA  . ALA A 1 28  ? 3.354   -1.612  -12.234 1.00 30.00 ? 271 ALA C CA  1 
ATOM 201 C C   . ALA A 1 28  ? 4.459   -2.613  -12.570 1.00 30.00 ? 271 ALA C C   1 
ATOM 202 O O   . ALA A 1 28  ? 4.798   -3.444  -11.745 1.00 30.00 ? 271 ALA C O   1 
ATOM 203 C CB  . ALA A 1 28  ? 3.068   -1.594  -10.750 1.00 20.00 ? 271 ALA C CB  1 
ATOM 204 N N   . PRO A 1 29  ? 5.030   -2.518  -13.781 1.00 30.00 ? 272 PRO C N   1 
ATOM 205 C CA  . PRO A 1 29  ? 5.880   -3.567  -14.366 1.00 30.00 ? 272 PRO C CA  1 
ATOM 206 C C   . PRO A 1 29  ? 7.112   -3.982  -13.561 1.00 30.00 ? 272 PRO C C   1 
ATOM 207 O O   . PRO A 1 29  ? 7.472   -5.157  -13.584 1.00 30.00 ? 272 PRO C O   1 
ATOM 208 C CB  . PRO A 1 29  ? 6.330   -2.939  -15.685 1.00 20.00 ? 272 PRO C CB  1 
ATOM 209 C CG  . PRO A 1 29  ? 5.267   -1.964  -16.017 1.00 20.00 ? 272 PRO C CG  1 
ATOM 210 C CD  . PRO A 1 29  ? 4.837   -1.393  -14.708 1.00 20.00 ? 272 PRO C CD  1 
ATOM 211 N N   . GLY A 1 30  ? 7.744   -3.044  -12.863 1.00 30.00 ? 273 GLY C N   1 
ATOM 212 C CA  . GLY A 1 30  ? 9.023   -3.309  -12.227 1.00 30.00 ? 273 GLY C CA  1 
ATOM 213 C C   . GLY A 1 30  ? 9.019   -3.459  -10.715 1.00 30.00 ? 273 GLY C C   1 
ATOM 214 O O   . GLY A 1 30  ? 8.014   -3.811  -10.110 1.00 30.00 ? 273 GLY C O   1 
ATOM 215 N N   . LYS A 1 31  ? 10.183  -3.227  -10.119 1.00 30.00 ? 274 LYS C N   1 
ATOM 216 C CA  . LYS A 1 31  ? 10.354  -3.238  -8.668  1.00 30.00 ? 274 LYS C CA  1 
ATOM 217 C C   . LYS A 1 31  ? 9.766   -1.972  -8.036  1.00 30.00 ? 274 LYS C C   1 
ATOM 218 O O   . LYS A 1 31  ? 9.826   -0.908  -8.644  1.00 30.00 ? 274 LYS C O   1 
ATOM 219 C CB  . LYS A 1 31  ? 11.838  -3.373  -8.341  1.00 20.00 ? 274 LYS C CB  1 
ATOM 220 C CG  . LYS A 1 31  ? 12.168  -3.519  -6.879  1.00 20.00 ? 274 LYS C CG  1 
ATOM 221 C CD  . LYS A 1 31  ? 13.670  -3.622  -6.694  1.00 20.00 ? 274 LYS C CD  1 
ATOM 222 C CE  . LYS A 1 31  ? 14.220  -4.907  -7.278  1.00 20.00 ? 274 LYS C CE  1 
ATOM 223 N NZ  . LYS A 1 31  ? 13.728  -6.102  -6.548  1.00 20.00 ? 274 LYS C NZ  1 
ATOM 224 N N   . TYR A 1 32  ? 9.213   -2.071  -6.829  1.00 30.00 ? 275 TYR C N   1 
ATOM 225 C CA  . TYR A 1 32  ? 8.637   -0.893  -6.169  1.00 30.00 ? 275 TYR C CA  1 
ATOM 226 C C   . TYR A 1 32  ? 8.605   -0.951  -4.645  1.00 30.00 ? 275 TYR C C   1 
ATOM 227 O O   . TYR A 1 32  ? 8.322   -1.992  -4.064  1.00 30.00 ? 275 TYR C O   1 
ATOM 228 C CB  . TYR A 1 32  ? 7.195   -0.659  -6.623  1.00 20.00 ? 275 TYR C CB  1 
ATOM 229 C CG  . TYR A 1 32  ? 7.001   -0.329  -8.074  1.00 20.00 ? 275 TYR C CG  1 
ATOM 230 C CD1 . TYR A 1 32  ? 7.079   0.973   -8.524  1.00 20.00 ? 275 TYR C CD1 1 
ATOM 231 C CD2 . TYR A 1 32  ? 6.708   -1.321  -8.990  1.00 20.00 ? 275 TYR C CD2 1 
ATOM 232 C CE1 . TYR A 1 32  ? 6.892   1.272   -9.855  1.00 20.00 ? 275 TYR C CE1 1 
ATOM 233 C CE2 . TYR A 1 32  ? 6.521   -1.033  -10.315 1.00 20.00 ? 275 TYR C CE2 1 
ATOM 234 C CZ  . TYR A 1 32  ? 6.608   0.262   -10.745 1.00 20.00 ? 275 TYR C CZ  1 
ATOM 235 O OH  . TYR A 1 32  ? 6.414   0.545   -12.073 1.00 20.00 ? 275 TYR C OH  1 
ATOM 236 N N   . GLN A 1 33  ? 8.865   0.190   -4.008  1.00 30.00 ? 276 GLN C N   1 
ATOM 237 C CA  . GLN A 1 33  ? 8.491   0.410   -2.613  1.00 30.00 ? 276 GLN C CA  1 
ATOM 238 C C   . GLN A 1 33  ? 6.990   0.603   -2.549  1.00 30.00 ? 276 GLN C C   1 
ATOM 239 O O   . GLN A 1 33  ? 6.427   1.191   -3.466  1.00 30.00 ? 276 GLN C O   1 
ATOM 240 C CB  . GLN A 1 33  ? 9.196   1.629   -2.041  1.00 20.00 ? 276 GLN C CB  1 
ATOM 241 C CG  . GLN A 1 33  ? 8.896   1.875   -0.582  1.00 20.00 ? 276 GLN C CG  1 
ATOM 242 C CD  . GLN A 1 33  ? 9.681   3.041   -0.030  1.00 20.00 ? 276 GLN C CD  1 
ATOM 243 O OE1 . GLN A 1 33  ? 10.515  3.615   -0.721  1.00 20.00 ? 276 GLN C OE1 1 
ATOM 244 N NE2 . GLN A 1 33  ? 9.413   3.401   1.217   1.00 20.00 ? 276 GLN C NE2 1 
ATOM 245 N N   . THR A 1 34  ? 6.327   0.138   -1.488  1.00 30.00 ? 277 THR C N   1 
ATOM 246 C CA  . THR A 1 34  ? 4.864   0.204   -1.484  1.00 30.00 ? 277 THR C CA  1 
ATOM 247 C C   . THR A 1 34  ? 4.254   0.656   -0.178  1.00 30.00 ? 277 THR C C   1 
ATOM 248 O O   . THR A 1 34  ? 4.849   0.492   0.874   1.00 30.00 ? 277 THR C O   1 
ATOM 249 C CB  . THR A 1 34  ? 4.247   -1.148  -1.807  1.00 20.00 ? 277 THR C CB  1 
ATOM 250 O OG1 . THR A 1 34  ? 4.701   -2.104  -0.845  1.00 20.00 ? 277 THR C OG1 1 
ATOM 251 C CG2 . THR A 1 34  ? 4.640   -1.604  -3.190  1.00 20.00 ? 277 THR C CG2 1 
ATOM 252 N N   . THR A 1 35  ? 3.050   1.216   -0.249  1.00 30.00 ? 278 THR C N   1 
ATOM 253 C CA  . THR A 1 35  ? 2.344   1.700   0.933   1.00 30.00 ? 278 THR C CA  1 
ATOM 254 C C   . THR A 1 35  ? 0.830   1.605   0.839   1.00 30.00 ? 278 THR C C   1 
ATOM 255 O O   . THR A 1 35  ? 0.246   1.783   -0.236  1.00 30.00 ? 278 THR C O   1 
ATOM 256 C CB  . THR A 1 35  ? 2.655   3.165   1.222   1.00 20.00 ? 278 THR C CB  1 
ATOM 257 O OG1 . THR A 1 35  ? 2.408   3.939   0.045   1.00 20.00 ? 278 THR C OG1 1 
ATOM 258 C CG2 . THR A 1 35  ? 4.082   3.356   1.679   1.00 20.00 ? 278 THR C CG2 1 
ATOM 259 N N   . LEU A 1 36  ? 0.206   1.361   1.985   1.00 30.00 ? 279 LEU C N   1 
ATOM 260 C CA  . LEU A 1 36  ? -1.248  1.345   2.070   1.00 30.00 ? 279 LEU C CA  1 
ATOM 261 C C   . LEU A 1 36  ? -1.784  2.465   2.922   1.00 30.00 ? 279 LEU C C   1 
ATOM 262 O O   . LEU A 1 36  ? -1.221  2.780   3.959   1.00 30.00 ? 279 LEU C O   1 
ATOM 263 C CB  . LEU A 1 36  ? -1.741  0.036   2.653   1.00 20.00 ? 279 LEU C CB  1 
ATOM 264 C CG  . LEU A 1 36  ? -1.422  -1.161  1.791   1.00 20.00 ? 279 LEU C CG  1 
ATOM 265 C CD1 . LEU A 1 36  ? -1.948  -2.390  2.468   1.00 20.00 ? 279 LEU C CD1 1 
ATOM 266 C CD2 . LEU A 1 36  ? -2.059  -0.966  0.449   1.00 20.00 ? 279 LEU C CD2 1 
ATOM 267 N N   . THR A 1 37  ? -2.891  3.055   2.504   1.00 30.00 ? 280 THR C N   1 
ATOM 268 C CA  . THR A 1 37  ? -3.655  3.900   3.405   1.00 30.00 ? 280 THR C CA  1 
ATOM 269 C C   . THR A 1 37  ? -5.072  3.405   3.395   1.00 30.00 ? 280 THR C C   1 
ATOM 270 O O   . THR A 1 37  ? -5.650  3.194   2.332   1.00 30.00 ? 280 THR C O   1 
ATOM 271 C CB  . THR A 1 37  ? -3.639  5.363   3.009   1.00 20.00 ? 280 THR C CB  1 
ATOM 272 O OG1 . THR A 1 37  ? -4.223  5.500   1.712   1.00 20.00 ? 280 THR C OG1 1 
ATOM 273 C CG2 . THR A 1 37  ? -2.226  5.882   2.971   1.00 20.00 ? 280 THR C CG2 1 
ATOM 274 N N   . VAL A 1 38  ? -5.643  3.213   4.574   1.00 30.00 ? 281 VAL C N   1 
ATOM 275 C CA  . VAL A 1 38  ? -6.969  2.637   4.657   1.00 30.00 ? 281 VAL C CA  1 
ATOM 276 C C   . VAL A 1 38  ? -7.792  3.314   5.733   1.00 30.00 ? 281 VAL C C   1 
ATOM 277 O O   . VAL A 1 38  ? -7.289  3.618   6.823   1.00 30.00 ? 281 VAL C O   1 
ATOM 278 C CB  . VAL A 1 38  ? -6.902  1.125   4.940   1.00 20.00 ? 281 VAL C CB  1 
ATOM 279 C CG1 . VAL A 1 38  ? -8.286  0.560   5.176   1.00 20.00 ? 281 VAL C CG1 1 
ATOM 280 C CG2 . VAL A 1 38  ? -6.241  0.394   3.790   1.00 20.00 ? 281 VAL C CG2 1 
ATOM 281 N N   . GLN A 1 39  ? -9.058  3.556   5.411   1.00 30.00 ? 282 GLN C N   1 
ATOM 282 C CA  . GLN A 1 39  ? -10.006 4.061   6.393   1.00 30.00 ? 282 GLN C CA  1 
ATOM 283 C C   . GLN A 1 39  ? -11.435 3.817   5.940   1.00 30.00 ? 282 GLN C C   1 
ATOM 284 O O   . GLN A 1 39  ? -11.724 3.804   4.744   1.00 30.00 ? 282 GLN C O   1 
ATOM 285 C CB  . GLN A 1 39  ? -9.767  5.538   6.637   1.00 20.00 ? 282 GLN C CB  1 
ATOM 286 C CG  . GLN A 1 39  ? -9.901  6.367   5.404   1.00 20.00 ? 282 GLN C CG  1 
ATOM 287 C CD  . GLN A 1 39  ? -9.620  7.814   5.673   1.00 20.00 ? 282 GLN C CD  1 
ATOM 288 O OE1 . GLN A 1 39  ? -9.015  8.152   6.685   1.00 20.00 ? 282 GLN C OE1 1 
ATOM 289 N NE2 . GLN A 1 39  ? -10.048 8.683   4.768   1.00 20.00 ? 282 GLN C NE2 1 
ATOM 290 N N   . ALA A 1 40  ? -12.334 3.624   6.897   1.00 30.00 ? 283 ALA C N   1 
ATOM 291 C CA  . ALA A 1 40  ? -13.687 3.214   6.563   1.00 30.00 ? 283 ALA C CA  1 
ATOM 292 C C   . ALA A 1 40  ? -14.711 3.700   7.570   1.00 30.00 ? 283 ALA C C   1 
ATOM 293 O O   . ALA A 1 40  ? -14.734 3.266   8.714   1.00 30.00 ? 283 ALA C O   1 
ATOM 294 C CB  . ALA A 1 40  ? -13.749 1.714   6.447   1.00 20.00 ? 283 ALA C CB  1 
ATOM 295 N N   . LEU A 1 41  ? -15.571 4.605   7.123   1.00 30.00 ? 284 LEU C N   1 
ATOM 296 C CA  . LEU A 1 41  ? -16.618 5.159   7.963   1.00 30.00 ? 284 LEU C CA  1 
ATOM 297 C C   . LEU A 1 41  ? -17.726 4.148   8.206   1.00 30.00 ? 284 LEU C C   1 
ATOM 298 O O   . LEU A 1 41  ? -17.950 3.256   7.391   1.00 30.00 ? 284 LEU C O   1 
ATOM 299 C CB  . LEU A 1 41  ? -17.179 6.427   7.323   1.00 20.00 ? 284 LEU C CB  1 
ATOM 300 C CG  . LEU A 1 41  ? -16.188 7.585   7.204   1.00 20.00 ? 284 LEU C CG  1 
ATOM 301 C CD1 . LEU A 1 41  ? -16.774 8.733   6.406   1.00 20.00 ? 284 LEU C CD1 1 
ATOM 302 C CD2 . LEU A 1 41  ? -15.786 8.071   8.582   1.00 20.00 ? 284 LEU C CD2 1 
ATOM 303 N N   . ILE A 1 42  ? -18.415 4.287   9.332   1.00 30.00 ? 285 ILE C N   1 
ATOM 304 C CA  . ILE A 1 42  ? -19.462 3.347   9.724   1.00 30.00 ? 285 ILE C CA  1 
ATOM 305 C C   . ILE A 1 42  ? -20.867 3.918   9.702   1.00 30.00 ? 285 ILE C C   1 
ATOM 306 O O   . ILE A 1 42  ? -21.148 4.913   10.363  1.00 30.00 ? 285 ILE C O   1 
ATOM 307 C CB  . ILE A 1 42  ? -19.218 2.825   11.137  1.00 20.00 ? 285 ILE C CB  1 
ATOM 308 C CG1 . ILE A 1 42  ? -17.949 1.988   11.167  1.00 20.00 ? 285 ILE C CG1 1 
ATOM 309 C CG2 . ILE A 1 42  ? -20.399 2.006   11.614  1.00 20.00 ? 285 ILE C CG2 1 
ATOM 310 C CD1 . ILE A 1 42  ? -17.528 1.620   12.551  1.00 20.00 ? 285 ILE C CD1 1 
ATOM 311 N N   . GLY A 1 43  ? -21.752 3.280   8.944   1.00 30.00 ? 286 GLY C N   1 
ATOM 312 C CA  . GLY A 1 43  ? -23.164 3.578   9.053   1.00 30.00 ? 286 GLY C CA  1 
ATOM 313 C C   . GLY A 1 43  ? -23.673 3.056   10.379  1.00 30.00 ? 286 GLY C C   1 
ATOM 314 O O   . GLY A 1 43  ? -23.538 1.872   10.674  1.00 30.00 ? 286 GLY C O   1 
ATOM 315 N N   . GLY A 1 44  ? -24.241 3.943   11.189  1.00 30.00 ? 287 GLY C N   1 
ATOM 316 C CA  . GLY A 1 44  ? -24.794 3.563   12.475  1.00 30.00 ? 287 GLY C CA  1 
ATOM 317 C C   . GLY A 1 44  ? -23.773 3.398   13.582  1.00 30.00 ? 287 GLY C C   1 
ATOM 318 O O   . GLY A 1 44  ? -22.573 3.582   13.377  1.00 30.00 ? 287 GLY C O   1 
ATOM 319 N N   . THR A 1 45  ? -24.260 3.041   14.766  1.00 30.00 ? 288 THR C N   1 
ATOM 320 C CA  . THR A 1 45  ? -23.404 2.824   15.923  1.00 30.00 ? 288 THR C CA  1 
ATOM 321 C C   . THR A 1 45  ? -22.900 1.385   15.968  1.00 30.00 ? 288 THR C C   1 
ATOM 322 O O   . THR A 1 45  ? -23.364 0.584   16.781  1.00 30.00 ? 288 THR C O   1 
ATOM 323 C CB  . THR A 1 45  ? -24.139 3.142   17.239  1.00 20.00 ? 288 THR C CB  1 
ATOM 324 O OG1 . THR A 1 45  ? -25.283 2.292   17.370  1.00 20.00 ? 288 THR C OG1 1 
ATOM 325 C CG2 . THR A 1 45  ? -24.587 4.596   17.259  1.00 20.00 ? 288 THR C CG2 1 
ATOM 326 N N   . GLY A 1 46  ? -21.951 1.057   15.097  1.00 30.00 ? 289 GLY C N   1 
ATOM 327 C CA  . GLY A 1 46  ? -21.397 -0.285  15.059  1.00 30.00 ? 289 GLY C CA  1 
ATOM 328 C C   . GLY A 1 46  ? -19.892 -0.258  14.875  1.00 30.00 ? 289 GLY C C   1 
ATOM 329 O O   . GLY A 1 46  ? -19.356 0.675   14.278  1.00 30.00 ? 289 GLY C O   1 
ATOM 330 N N   . VAL A 1 47  ? -19.205 -1.276  15.384  1.00 30.00 ? 290 VAL C N   1 
ATOM 331 C CA  . VAL A 1 47  ? -17.760 -1.320  15.250  1.00 30.00 ? 290 VAL C CA  1 
ATOM 332 C C   . VAL A 1 47  ? -17.380 -2.380  14.238  1.00 30.00 ? 290 VAL C C   1 
ATOM 333 O O   . VAL A 1 47  ? -18.096 -3.362  14.069  1.00 30.00 ? 290 VAL C O   1 
ATOM 334 C CB  . VAL A 1 47  ? -17.091 -1.632  16.581  1.00 20.00 ? 290 VAL C CB  1 
ATOM 335 C CG1 . VAL A 1 47  ? -17.422 -0.561  17.592  1.00 20.00 ? 290 VAL C CG1 1 
ATOM 336 C CG2 . VAL A 1 47  ? -17.544 -2.983  17.086  1.00 20.00 ? 290 VAL C CG2 1 
ATOM 337 N N   . VAL A 1 48  ? -16.271 -2.185  13.537  1.00 30.00 ? 291 VAL C N   1 
ATOM 338 C CA  . VAL A 1 48  ? -15.898 -3.158  12.524  1.00 30.00 ? 291 VAL C CA  1 
ATOM 339 C C   . VAL A 1 48  ? -14.454 -3.610  12.574  1.00 30.00 ? 291 VAL C C   1 
ATOM 340 O O   . VAL A 1 48  ? -13.525 -2.819  12.459  1.00 30.00 ? 291 VAL C O   1 
ATOM 341 C CB  . VAL A 1 48  ? -16.154 -2.625  11.127  1.00 20.00 ? 291 VAL C CB  1 
ATOM 342 C CG1 . VAL A 1 48  ? -15.667 -3.626  10.102  1.00 20.00 ? 291 VAL C CG1 1 
ATOM 343 C CG2 . VAL A 1 48  ? -17.622 -2.338  10.937  1.00 20.00 ? 291 VAL C CG2 1 
ATOM 344 N N   . VAL A 1 49  ? -14.275 -4.906  12.755  1.00 30.00 ? 292 VAL C N   1 
ATOM 345 C CA  . VAL A 1 49  ? -12.974 -5.508  12.596  1.00 30.00 ? 292 VAL C CA  1 
ATOM 346 C C   . VAL A 1 49  ? -12.835 -5.963  11.151  1.00 30.00 ? 292 VAL C C   1 
ATOM 347 O O   . VAL A 1 49  ? -13.829 -6.275  10.500  1.00 30.00 ? 292 VAL C O   1 
ATOM 348 C CB  . VAL A 1 49  ? -12.791 -6.683  13.562  1.00 20.00 ? 292 VAL C CB  1 
ATOM 349 C CG1 . VAL A 1 49  ? -13.792 -7.781  13.241  1.00 20.00 ? 292 VAL C CG1 1 
ATOM 350 C CG2 . VAL A 1 49  ? -11.365 -7.205  13.526  1.00 20.00 ? 292 VAL C CG2 1 
ATOM 351 N N   . GLY A 1 50  ? -11.610 -5.986  10.637  1.00 30.00 ? 293 GLY C N   1 
ATOM 352 C CA  . GLY A 1 50  ? -11.370 -6.510  9.304   1.00 30.00 ? 293 GLY C CA  1 
ATOM 353 C C   . GLY A 1 50  ? -9.897  -6.696  9.020   1.00 30.00 ? 293 GLY C C   1 
ATOM 354 O O   . GLY A 1 50  ? -9.048  -6.211  9.765   1.00 30.00 ? 293 GLY C O   1 
ATOM 355 N N   . THR A 1 51  ? -9.585  -7.399  7.939   1.00 30.00 ? 294 THR C N   1 
ATOM 356 C CA  . THR A 1 51  ? -8.206  -7.596  7.530   1.00 30.00 ? 294 THR C CA  1 
ATOM 357 C C   . THR A 1 51  ? -8.059  -7.449  6.031   1.00 30.00 ? 294 THR C C   1 
ATOM 358 O O   . THR A 1 51  ? -8.932  -7.874  5.271   1.00 30.00 ? 294 THR C O   1 
ATOM 359 C CB  . THR A 1 51  ? -7.675  -8.974  7.936   1.00 20.00 ? 294 THR C CB  1 
ATOM 360 O OG1 . THR A 1 51  ? -8.487  -9.993  7.346   1.00 20.00 ? 294 THR C OG1 1 
ATOM 361 C CG2 . THR A 1 51  ? -7.689  -9.133  9.437   1.00 20.00 ? 294 THR C CG2 1 
ATOM 362 N N   . VAL A 1 52  ? -6.937  -6.873  5.616   1.00 30.00 ? 295 VAL C N   1 
ATOM 363 C CA  . VAL A 1 52  ? -6.696  -6.560  4.217   1.00 30.00 ? 295 VAL C CA  1 
ATOM 364 C C   . VAL A 1 52  ? -5.503  -7.291  3.628   1.00 30.00 ? 295 VAL C C   1 
ATOM 365 O O   . VAL A 1 52  ? -4.369  -7.075  4.038   1.00 30.00 ? 295 VAL C O   1 
ATOM 366 C CB  . VAL A 1 52  ? -6.457  -5.066  4.023   1.00 20.00 ? 295 VAL C CB  1 
ATOM 367 C CG1 . VAL A 1 52  ? -6.060  -4.794  2.593   1.00 20.00 ? 295 VAL C CG1 1 
ATOM 368 C CG2 . VAL A 1 52  ? -7.693  -4.287  4.380   1.00 20.00 ? 295 VAL C CG2 1 
ATOM 369 N N   . THR A 1 53  ? -5.763  -8.151  2.653   1.00 30.00 ? 296 THR C N   1 
ATOM 370 C CA  . THR A 1 53  ? -4.706  -8.858  1.949   1.00 30.00 ? 296 THR C CA  1 
ATOM 371 C C   . THR A 1 53  ? -4.376  -8.207  0.615   1.00 30.00 ? 296 THR C C   1 
ATOM 372 O O   . THR A 1 53  ? -5.271  -7.947  -0.210  1.00 30.00 ? 296 THR C O   1 
ATOM 373 C CB  . THR A 1 53  ? -5.083  -10.311 1.701   1.00 20.00 ? 296 THR C CB  1 
ATOM 374 O OG1 . THR A 1 53  ? -6.298  -10.353 0.950   1.00 20.00 ? 296 THR C OG1 1 
ATOM 375 C CG2 . THR A 1 53  ? -5.293  -11.031 3.014   1.00 20.00 ? 296 THR C CG2 1 
ATOM 376 N N   . PHE A 1 54  ? -3.092  -7.946  0.382   1.00 30.00 ? 297 PHE C N   1 
ATOM 377 C CA  . PHE A 1 54  ? -2.666  -7.333  -0.872  1.00 30.00 ? 297 PHE C CA  1 
ATOM 378 C C   . PHE A 1 54  ? -1.886  -8.308  -1.752  1.00 30.00 ? 297 PHE C C   1 
ATOM 379 O O   . PHE A 1 54  ? -2.427  -8.857  -2.712  1.00 30.00 ? 297 PHE C O   1 
ATOM 380 C CB  . PHE A 1 54  ? -1.820  -6.086  -0.595  1.00 20.00 ? 297 PHE C CB  1 
ATOM 381 C CG  . PHE A 1 54  ? -1.336  -5.396  -1.838  1.00 20.00 ? 297 PHE C CG  1 
ATOM 382 C CD1 . PHE A 1 54  ? -2.091  -4.405  -2.435  1.00 20.00 ? 297 PHE C CD1 1 
ATOM 383 C CD2 . PHE A 1 54  ? -0.123  -5.742  -2.411  1.00 20.00 ? 297 PHE C CD2 1 
ATOM 384 C CE1 . PHE A 1 54  ? -1.647  -3.765  -3.578  1.00 20.00 ? 297 PHE C CE1 1 
ATOM 385 C CE2 . PHE A 1 54  ? 0.328   -5.110  -3.553  1.00 20.00 ? 297 PHE C CE2 1 
ATOM 386 C CZ  . PHE A 1 54  ? -0.436  -4.122  -4.139  1.00 20.00 ? 297 PHE C CZ  1 
ATOM 387 N N   . ALA A 1 55  ? -0.616  -8.524  -1.420  1.00 30.00 ? 298 ALA C N   1 
ATOM 388 C CA  . ALA A 1 55  ? 0.234   -9.437  -2.180  1.00 30.00 ? 298 ALA C CA  1 
ATOM 389 C C   . ALA A 1 55  ? 1.008   -10.386 -1.267  1.00 30.00 ? 298 ALA C C   1 
ATOM 390 O O   . ALA A 1 55  ? 2.219   -10.243 -1.099  1.00 30.00 ? 298 ALA C O   1 
ATOM 391 C CB  . ALA A 1 55  ? 1.190   -8.654  -3.066  1.00 30.00 ? 298 ALA C CB  1 
ATOM 392 N N   . GLY A 1 56  ? 0.309   -11.350 -0.678  1.00 30.00 ? 299 GLY C N   1 
ATOM 393 C CA  . GLY A 1 56  ? 0.942   -12.304 0.216   1.00 30.00 ? 299 GLY C CA  1 
ATOM 394 C C   . GLY A 1 56  ? 1.134   -11.658 1.574   1.00 30.00 ? 299 GLY C C   1 
ATOM 395 O O   . GLY A 1 56  ? 1.764   -12.217 2.470   1.00 30.00 ? 299 GLY C O   1 
ATOM 396 N N   . LYS A 1 57  ? 0.572   -10.463 1.707   1.00 30.00 ? 300 LYS C N   1 
ATOM 397 C CA  . LYS A 1 57  ? 0.641   -9.683  2.925   1.00 30.00 ? 300 LYS C CA  1 
ATOM 398 C C   . LYS A 1 57  ? -0.772  -9.438  3.422   1.00 30.00 ? 300 LYS C C   1 
ATOM 399 O O   . LYS A 1 57  ? -1.716  -9.445  2.634   1.00 30.00 ? 300 LYS C O   1 
ATOM 400 C CB  . LYS A 1 57  ? 1.391   -8.382  2.678   1.00 20.00 ? 300 LYS C CB  1 
ATOM 401 C CG  . LYS A 1 57  ? 2.824   -8.618  2.243   1.00 20.00 ? 300 LYS C CG  1 
ATOM 402 C CD  . LYS A 1 57  ? 3.578   -7.326  2.037   1.00 20.00 ? 300 LYS C CD  1 
ATOM 403 C CE  . LYS A 1 57  ? 4.968   -7.586  1.476   1.00 20.00 ? 300 LYS C CE  1 
ATOM 404 N NZ  . LYS A 1 57  ? 5.841   -8.387  2.377   1.00 20.00 ? 300 LYS C NZ  1 
ATOM 405 N N   . THR A 1 58  ? -0.919  -9.229  4.727   1.00 30.00 ? 301 THR C N   1 
ATOM 406 C CA  . THR A 1 58  ? -2.233  -9.089  5.340   1.00 30.00 ? 301 THR C CA  1 
ATOM 407 C C   . THR A 1 58  ? -2.178  -8.054  6.462   1.00 30.00 ? 301 THR C C   1 
ATOM 408 O O   . THR A 1 58  ? -1.159  -7.932  7.126   1.00 30.00 ? 301 THR C O   1 
ATOM 409 C CB  . THR A 1 58  ? -2.716  -10.432 5.890   1.00 20.00 ? 301 THR C CB  1 
ATOM 410 O OG1 . THR A 1 58  ? -2.689  -11.407 4.840   1.00 20.00 ? 301 THR C OG1 1 
ATOM 411 C CG2 . THR A 1 58  ? -4.128  -10.319 6.418   1.00 20.00 ? 301 THR C CG2 1 
ATOM 412 N N   . VAL A 1 59  ? -3.258  -7.312  6.682   1.00 30.00 ? 302 VAL C N   1 
ATOM 413 C CA  . VAL A 1 59  ? -3.229  -6.214  7.643   1.00 30.00 ? 302 VAL C CA  1 
ATOM 414 C C   . VAL A 1 59  ? -4.443  -6.160  8.561   1.00 30.00 ? 302 VAL C C   1 
ATOM 415 O O   . VAL A 1 59  ? -5.572  -6.226  8.094   1.00 30.00 ? 302 VAL C O   1 
ATOM 416 C CB  . VAL A 1 59  ? -3.123  -4.872  6.920   1.00 20.00 ? 302 VAL C CB  1 
ATOM 417 C CG1 . VAL A 1 59  ? -3.268  -3.740  7.897   1.00 20.00 ? 302 VAL C CG1 1 
ATOM 418 C CG2 . VAL A 1 59  ? -1.807  -4.765  6.188   1.00 20.00 ? 302 VAL C CG2 1 
ATOM 419 N N   . ALA A 1 60  ? -4.208  -6.007  9.861   1.00 30.00 ? 303 ALA C N   1 
ATOM 420 C CA  . ALA A 1 60  ? -5.280  -5.883  10.848  1.00 30.00 ? 303 ALA C CA  1 
ATOM 421 C C   . ALA A 1 60  ? -5.963  -4.521  10.784  1.00 30.00 ? 303 ALA C C   1 
ATOM 422 O O   . ALA A 1 60  ? -5.336  -3.545  10.387  1.00 30.00 ? 303 ALA C O   1 
ATOM 423 C CB  . ALA A 1 60  ? -4.731  -6.116  12.238  1.00 20.00 ? 303 ALA C CB  1 
ATOM 424 N N   . TYR A 1 61  ? -7.258  -4.466  11.126  1.00 30.00 ? 304 TYR C N   1 
ATOM 425 C CA  . TYR A 1 61  ? -8.003  -3.198  11.072  1.00 30.00 ? 304 TYR C CA  1 
ATOM 426 C C   . TYR A 1 61  ? -9.254  -2.958  11.961  1.00 30.00 ? 304 TYR C C   1 
ATOM 427 O O   . TYR A 1 61  ? -10.374 -3.015  11.451  1.00 30.00 ? 304 TYR C O   1 
ATOM 428 C CB  . TYR A 1 61  ? -8.354  -2.867  9.614   1.00 20.00 ? 304 TYR C CB  1 
ATOM 429 C CG  . TYR A 1 61  ? -8.982  -1.505  9.426   1.00 20.00 ? 304 TYR C CG  1 
ATOM 430 C CD1 . TYR A 1 61  ? -8.198  -0.361  9.361   1.00 20.00 ? 304 TYR C CD1 1 
ATOM 431 C CD2 . TYR A 1 61  ? -10.358 -1.365  9.308   1.00 20.00 ? 304 TYR C CD2 1 
ATOM 432 C CE1 . TYR A 1 61  ? -8.769  0.889   9.188   1.00 20.00 ? 304 TYR C CE1 1 
ATOM 433 C CE2 . TYR A 1 61  ? -10.936 -0.120  9.135   1.00 20.00 ? 304 TYR C CE2 1 
ATOM 434 C CZ  . TYR A 1 61  ? -10.137 1.000   9.075   1.00 20.00 ? 304 TYR C CZ  1 
ATOM 435 O OH  . TYR A 1 61  ? -10.709 2.239   8.903   1.00 20.00 ? 304 TYR C OH  1 
ATOM 436 N N   . GLN A 1 62  ? -9.090  -2.676  13.254  1.00 30.00 ? 305 GLN C N   1 
ATOM 437 C CA  . GLN A 1 62  ? -10.230 -2.368  14.113  1.00 30.00 ? 305 GLN C CA  1 
ATOM 438 C C   . GLN A 1 62  ? -10.789 -1.023  13.658  1.00 30.00 ? 305 GLN C C   1 
ATOM 439 O O   . GLN A 1 62  ? -10.047 -0.241  13.071  1.00 30.00 ? 305 GLN C O   1 
ATOM 440 C CB  . GLN A 1 62  ? -9.799  -2.320  15.580  1.00 20.00 ? 305 GLN C CB  1 
ATOM 441 C CG  . GLN A 1 62  ? -10.953 -2.123  16.564  1.00 20.00 ? 305 GLN C CG  1 
ATOM 442 C CD  . GLN A 1 62  ? -11.944 -3.280  16.567  1.00 20.00 ? 305 GLN C CD  1 
ATOM 443 O OE1 . GLN A 1 62  ? -11.582 -4.423  16.851  1.00 20.00 ? 305 GLN C OE1 1 
ATOM 444 N NE2 . GLN A 1 62  ? -13.192 -2.989  16.212  1.00 20.00 ? 305 GLN C NE2 1 
ATOM 445 N N   . VAL A 1 63  ? -12.072 -0.741  13.900  1.00 30.00 ? 306 VAL C N   1 
ATOM 446 C CA  . VAL A 1 63  ? -12.579 0.616   13.648  1.00 30.00 ? 306 VAL C CA  1 
ATOM 447 C C   . VAL A 1 63  ? -13.911 0.965   14.325  1.00 30.00 ? 306 VAL C C   1 
ATOM 448 O O   . VAL A 1 63  ? -14.779 0.107   14.498  1.00 30.00 ? 306 VAL C O   1 
ATOM 449 C CB  . VAL A 1 63  ? -12.740 0.870   12.127  1.00 20.00 ? 306 VAL C CB  1 
ATOM 450 C CG1 . VAL A 1 63  ? -13.809 -0.013  11.543  1.00 20.00 ? 306 VAL C CG1 1 
ATOM 451 C CG2 . VAL A 1 63  ? -13.054 2.325   11.849  1.00 20.00 ? 306 VAL C CG2 1 
ATOM 452 N N   . PHE A 1 64  ? -14.049 2.229   14.725  1.00 30.00 ? 307 PHE C N   1 
ATOM 453 C CA  . PHE A 1 64  ? -15.344 2.833   15.034  1.00 30.00 ? 307 PHE C CA  1 
ATOM 454 C C   . PHE A 1 64  ? -15.213 4.355   14.979  1.00 30.00 ? 307 PHE C C   1 
ATOM 455 O O   . PHE A 1 64  ? -14.103 4.881   14.997  1.00 30.00 ? 307 PHE C O   1 
ATOM 456 C CB  . PHE A 1 64  ? -15.871 2.375   16.396  1.00 20.00 ? 307 PHE C CB  1 
ATOM 457 C CG  . PHE A 1 64  ? -17.218 2.947   16.749  1.00 20.00 ? 307 PHE C CG  1 
ATOM 458 C CD1 . PHE A 1 64  ? -18.357 2.518   16.090  1.00 20.00 ? 307 PHE C CD1 1 
ATOM 459 C CD2 . PHE A 1 64  ? -17.352 3.880   17.757  1.00 20.00 ? 307 PHE C CD2 1 
ATOM 460 C CE1 . PHE A 1 64  ? -19.595 3.030   16.404  1.00 20.00 ? 307 PHE C CE1 1 
ATOM 461 C CE2 . PHE A 1 64  ? -18.590 4.384   18.085  1.00 20.00 ? 307 PHE C CE2 1 
ATOM 462 C CZ  . PHE A 1 64  ? -19.711 3.966   17.402  1.00 20.00 ? 307 PHE C CZ  1 
ATOM 463 N N   . ASP A 1 65  ? -16.303 5.093   14.851  1.00 30.00 ? 308 ASP C N   1 
ATOM 464 C CA  . ASP A 1 65  ? -16.126 6.538   14.760  1.00 30.00 ? 308 ASP C CA  1 
ATOM 465 C C   . ASP A 1 65  ? -15.234 6.871   13.549  1.00 30.00 ? 308 ASP C C   1 
ATOM 466 O O   . ASP A 1 65  ? -15.513 6.436   12.432  1.00 30.00 ? 308 ASP C O   1 
ATOM 467 C CB  . ASP A 1 65  ? -15.507 7.090   16.043  1.00 20.00 ? 308 ASP C CB  1 
ATOM 468 C CG  . ASP A 1 65  ? -15.311 8.593   15.996  1.00 20.00 ? 308 ASP C CG  1 
ATOM 469 O OD1 . ASP A 1 65  ? -15.673 9.210   14.973  1.00 20.00 ? 308 ASP C OD1 1 
ATOM 470 O OD2 . ASP A 1 65  ? -14.794 9.158   16.985  1.00 20.00 ? 308 ASP C OD2 1 
ATOM 471 N N   . ASP A 1 66  ? -14.173 7.647   13.776  1.00 30.00 ? 309 ASP C N   1 
ATOM 472 C CA  . ASP A 1 66  ? -13.250 8.057   12.709  1.00 30.00 ? 309 ASP C CA  1 
ATOM 473 C C   . ASP A 1 66  ? -11.923 7.284   12.721  1.00 30.00 ? 309 ASP C C   1 
ATOM 474 O O   . ASP A 1 66  ? -11.363 7.019   13.784  1.00 30.00 ? 309 ASP C O   1 
ATOM 475 C CB  . ASP A 1 66  ? -12.981 9.561   12.782  1.00 20.00 ? 309 ASP C CB  1 
ATOM 476 C CG  . ASP A 1 66  ? -12.050 10.044  11.687  1.00 20.00 ? 309 ASP C CG  1 
ATOM 477 O OD1 . ASP A 1 66  ? -11.641 9.215   10.847  1.00 20.00 ? 309 ASP C OD1 1 
ATOM 478 O OD2 . ASP A 1 66  ? -11.730 11.250  11.666  1.00 20.00 ? 309 ASP C OD2 1 
ATOM 479 N N   . SER A 1 67  ? -11.429 6.923   11.533  1.00 30.00 ? 310 SER C N   1 
ATOM 480 C CA  . SER A 1 67  ? -10.195 6.160   11.407  1.00 30.00 ? 310 SER C CA  1 
ATOM 481 C C   . SER A 1 67  ? -9.339  6.546   10.222  1.00 30.00 ? 310 SER C C   1 
ATOM 482 O O   . SER A 1 67  ? -9.813  7.154   9.266   1.00 30.00 ? 310 SER C O   1 
ATOM 483 C CB  . SER A 1 67  ? -10.514 4.680   11.304  1.00 20.00 ? 310 SER C CB  1 
ATOM 484 O OG  . SER A 1 67  ? -9.339  3.942   11.019  1.00 20.00 ? 310 SER C OG  1 
ATOM 485 N N   . PHE A 1 68  ? -8.042  6.283   10.362  1.00 30.00 ? 311 PHE C N   1 
ATOM 486 C CA  . PHE A 1 68  ? -7.058  6.518   9.318   1.00 30.00 ? 311 PHE C CA  1 
ATOM 487 C C   . PHE A 1 68  ? -5.760  5.755   9.598   1.00 30.00 ? 311 PHE C C   1 
ATOM 488 O O   . PHE A 1 68  ? -5.073  6.097   10.559  1.00 30.00 ? 311 PHE C O   1 
ATOM 489 C CB  . PHE A 1 68  ? -6.769  8.014   9.181   1.00 20.00 ? 311 PHE C CB  1 
ATOM 490 C CG  . PHE A 1 68  ? -5.757  8.342   8.121   1.00 20.00 ? 311 PHE C CG  1 
ATOM 491 C CD1 . PHE A 1 68  ? -6.152  8.576   6.813   1.00 20.00 ? 311 PHE C CD1 1 
ATOM 492 C CD2 . PHE A 1 68  ? -4.409  8.416   8.430   1.00 20.00 ? 311 PHE C CD2 1 
ATOM 493 C CE1 . PHE A 1 68  ? -5.223  8.878   5.837   1.00 20.00 ? 311 PHE C CE1 1 
ATOM 494 C CE2 . PHE A 1 68  ? -3.474  8.718   7.459   1.00 20.00 ? 311 PHE C CE2 1 
ATOM 495 C CZ  . PHE A 1 68  ? -3.884  8.950   6.158   1.00 20.00 ? 311 PHE C CZ  1 
ATOM 496 N N   . ALA A 1 69  ? -5.376  4.762   8.797   1.00 30.00 ? 312 ALA C N   1 
ATOM 497 C CA  . ALA A 1 69  ? -4.097  4.147   9.105   1.00 30.00 ? 312 ALA C CA  1 
ATOM 498 C C   . ALA A 1 69  ? -3.280  3.899   7.862   1.00 30.00 ? 312 ALA C C   1 
ATOM 499 O O   . ALA A 1 69  ? -3.820  3.710   6.776   1.00 30.00 ? 312 ALA C O   1 
ATOM 500 C CB  . ALA A 1 69  ? -4.300  2.870   9.864   1.00 20.00 ? 312 ALA C CB  1 
ATOM 501 N N   . SER A 1 70  ? -1.966  3.889   8.035   1.00 30.00 ? 313 SER C N   1 
ATOM 502 C CA  . SER A 1 70  ? -1.051  3.792   6.917   1.00 30.00 ? 313 SER C CA  1 
ATOM 503 C C   . SER A 1 70  ? -0.002  2.741   7.182   1.00 30.00 ? 313 SER C C   1 
ATOM 504 O O   . SER A 1 70  ? 0.255   2.389   8.325   1.00 30.00 ? 313 SER C O   1 
ATOM 505 C CB  . SER A 1 70  ? -0.381  5.135   6.657   1.00 20.00 ? 313 SER C CB  1 
ATOM 506 O OG  . SER A 1 70  ? 0.429   5.505   7.751   1.00 20.00 ? 313 SER C OG  1 
ATOM 507 N N   . PHE A 1 71  ? 0.603   2.232   6.123   1.00 30.00 ? 314 PHE C N   1 
ATOM 508 C CA  . PHE A 1 71  ? 1.605   1.198   6.272   1.00 30.00 ? 314 PHE C CA  1 
ATOM 509 C C   . PHE A 1 71  ? 2.662   1.323   5.212   1.00 30.00 ? 314 PHE C C   1 
ATOM 510 O O   . PHE A 1 71  ? 2.355   1.274   4.019   1.00 30.00 ? 314 PHE C O   1 
ATOM 511 C CB  . PHE A 1 71  ? 0.976   -0.183  6.173   1.00 20.00 ? 314 PHE C CB  1 
ATOM 512 C CG  . PHE A 1 71  ? -0.116  -0.404  7.142   1.00 20.00 ? 314 PHE C CG  1 
ATOM 513 C CD1 . PHE A 1 71  ? 0.164   -0.739  8.445   1.00 20.00 ? 314 PHE C CD1 1 
ATOM 514 C CD2 . PHE A 1 71  ? -1.425  -0.255  6.758   1.00 20.00 ? 314 PHE C CD2 1 
ATOM 515 C CE1 . PHE A 1 71  ? -0.843  -0.933  9.344   1.00 20.00 ? 314 PHE C CE1 1 
ATOM 516 C CE2 . PHE A 1 71  ? -2.432  -0.444  7.648   1.00 20.00 ? 314 PHE C CE2 1 
ATOM 517 C CZ  . PHE A 1 71  ? -2.142  -0.783  8.946   1.00 20.00 ? 314 PHE C CZ  1 
ATOM 518 N N   . ASP A 1 72  ? 3.904   1.514   5.635   1.00 30.00 ? 315 ASP C N   1 
ATOM 519 C CA  . ASP A 1 72  ? 5.000   1.293   4.726   1.00 30.00 ? 315 ASP C CA  1 
ATOM 520 C C   . ASP A 1 72  ? 5.195   -0.202  4.573   1.00 30.00 ? 315 ASP C C   1 
ATOM 521 O O   . ASP A 1 72  ? 4.978   -0.965  5.502   1.00 30.00 ? 315 ASP C O   1 
ATOM 522 C CB  . ASP A 1 72  ? 6.280   1.956   5.212   1.00 20.00 ? 315 ASP C CB  1 
ATOM 523 C CG  . ASP A 1 72  ? 6.724   1.447   6.558   1.00 20.00 ? 315 ASP C CG  1 
ATOM 524 O OD1 . ASP A 1 72  ? 5.949   0.739   7.225   1.00 20.00 ? 315 ASP C OD1 1 
ATOM 525 O OD2 . ASP A 1 72  ? 7.872   1.747   6.942   1.00 20.00 ? 315 ASP C OD2 1 
ATOM 526 N N   . LEU A 1 73  ? 5.611   -0.605  3.388   1.00 30.00 ? 316 LEU C N   1 
ATOM 527 C CA  . LEU A 1 73  ? 5.875   -1.993  3.082   1.00 30.00 ? 316 LEU C CA  1 
ATOM 528 C C   . LEU A 1 73  ? 6.990   -2.012  2.056   1.00 30.00 ? 316 LEU C C   1 
ATOM 529 O O   . LEU A 1 73  ? 6.817   -1.565  0.909   1.00 30.00 ? 316 LEU C O   1 
ATOM 530 C CB  . LEU A 1 73  ? 4.629   -2.686  2.549   1.00 20.00 ? 316 LEU C CB  1 
ATOM 531 C CG  . LEU A 1 73  ? 3.451   -2.777  3.507   1.00 20.00 ? 316 LEU C CG  1 
ATOM 532 C CD1 . LEU A 1 73  ? 2.249   -3.332  2.806   1.00 20.00 ? 316 LEU C CD1 1 
ATOM 533 C CD2 . LEU A 1 73  ? 3.824   -3.650  4.669   1.00 20.00 ? 316 LEU C CD2 1 
ATOM 534 N N   . GLY A 1 74  ? 8.142   -2.503  2.483   1.00 30.00 ? 317 GLY C N   1 
ATOM 535 C CA  . GLY A 1 74  ? 9.356   -2.360  1.714   1.00 30.00 ? 317 GLY C CA  1 
ATOM 536 C C   . GLY A 1 74  ? 9.459   -3.131  0.419   1.00 30.00 ? 317 GLY C C   1 
ATOM 537 O O   . GLY A 1 74  ? 9.296   -4.343  0.385   1.00 30.00 ? 317 GLY C O   1 
ATOM 538 N N   . THR A 1 75  ? 9.731   -2.398  -0.653  1.00 30.00 ? 318 THR C N   1 
ATOM 539 C CA  . THR A 1 75  ? 10.338  -2.949  -1.857  1.00 30.00 ? 318 THR C CA  1 
ATOM 540 C C   . THR A 1 75  ? 9.655   -4.165  -2.470  1.00 30.00 ? 318 THR C C   1 
ATOM 541 O O   . THR A 1 75  ? 10.312  -5.162  -2.734  1.00 30.00 ? 318 THR C O   1 
ATOM 542 C CB  . THR A 1 75  ? 11.788  -3.357  -1.582  1.00 20.00 ? 318 THR C CB  1 
ATOM 543 O OG1 . THR A 1 75  ? 11.804  -4.463  -0.675  1.00 20.00 ? 318 THR C OG1 1 
ATOM 544 C CG2 . THR A 1 75  ? 12.540  -2.208  -0.942  1.00 20.00 ? 318 THR C CG2 1 
ATOM 545 N N   . VAL A 1 76  ? 8.350   -4.109  -2.675  1.00 30.00 ? 319 VAL C N   1 
ATOM 546 C CA  . VAL A 1 76  ? 7.671   -5.220  -3.330  1.00 30.00 ? 319 VAL C CA  1 
ATOM 547 C C   . VAL A 1 76  ? 8.088   -5.374  -4.789  1.00 30.00 ? 319 VAL C C   1 
ATOM 548 O O   . VAL A 1 76  ? 8.171   -4.394  -5.522  1.00 30.00 ? 319 VAL C O   1 
ATOM 549 C CB  . VAL A 1 76  ? 6.164   -5.056  -3.255  1.00 20.00 ? 319 VAL C CB  1 
ATOM 550 C CG1 . VAL A 1 76  ? 5.472   -6.153  -4.023  1.00 20.00 ? 319 VAL C CG1 1 
ATOM 551 C CG2 . VAL A 1 76  ? 5.733   -5.073  -1.818  1.00 20.00 ? 319 VAL C CG2 1 
ATOM 552 N N   . THR A 1 77  ? 8.354   -6.609  -5.197  1.00 30.00 ? 320 THR C N   1 
ATOM 553 C CA  . THR A 1 77  ? 8.648   -6.918  -6.590  1.00 30.00 ? 320 THR C CA  1 
ATOM 554 C C   . THR A 1 77  ? 7.388   -6.985  -7.413  1.00 30.00 ? 320 THR C C   1 
ATOM 555 O O   . THR A 1 77  ? 6.315   -7.253  -6.888  1.00 30.00 ? 320 THR C O   1 
ATOM 556 C CB  . THR A 1 77  ? 9.373   -8.258  -6.740  1.00 20.00 ? 320 THR C CB  1 
ATOM 557 O OG1 . THR A 1 77  ? 8.546   -9.298  -6.207  1.00 20.00 ? 320 THR C OG1 1 
ATOM 558 C CG2 . THR A 1 77  ? 10.688  -8.237  -5.995  1.00 20.00 ? 320 THR C CG2 1 
ATOM 559 N N   . VAL A 1 78  ? 7.515   -6.749  -8.709  1.00 30.00 ? 321 VAL C N   1 
ATOM 560 C CA  . VAL A 1 78  ? 6.455   -7.135  -9.621  1.00 30.00 ? 321 VAL C CA  1 
ATOM 561 C C   . VAL A 1 78  ? 7.036   -7.954  -10.753 1.00 30.00 ? 321 VAL C C   1 
ATOM 562 O O   . VAL A 1 78  ? 7.647   -7.418  -11.680 1.00 30.00 ? 321 VAL C O   1 
ATOM 563 C CB  . VAL A 1 78  ? 5.715   -5.948  -10.185 1.00 20.00 ? 321 VAL C CB  1 
ATOM 564 C CG1 . VAL A 1 78  ? 4.695   -6.430  -11.190 1.00 20.00 ? 321 VAL C CG1 1 
ATOM 565 C CG2 . VAL A 1 78  ? 5.042   -5.186  -9.070  1.00 20.00 ? 321 VAL C CG2 1 
ATOM 566 N N   . SER A 1 79  ? 6.840   -9.261  -10.664 1.00 30.00 ? 322 SER C N   1 
ATOM 567 C CA  . SER A 1 79  ? 7.446   -10.208 -11.583 1.00 30.00 ? 322 SER C CA  1 
ATOM 568 C C   . SER A 1 79  ? 6.973   -10.006 -13.016 1.00 30.00 ? 322 SER C C   1 
ATOM 569 O O   . SER A 1 79  ? 7.730   -10.210 -13.965 1.00 30.00 ? 322 SER C O   1 
ATOM 570 C CB  . SER A 1 79  ? 7.140   -11.632 -11.125 1.00 20.00 ? 322 SER C CB  1 
ATOM 571 O OG  . SER A 1 79  ? 5.742   -11.864 -11.109 1.00 20.00 ? 322 SER C OG  1 
ATOM 572 N N   . ALA A 1 80  ? 5.722   -9.588  -13.168 1.00 30.00 ? 323 ALA C N   1 
ATOM 573 C CA  . ALA A 1 80  ? 5.155   -9.317  -14.482 1.00 30.00 ? 323 ALA C CA  1 
ATOM 574 C C   . ALA A 1 80  ? 3.997   -8.352  -14.340 1.00 30.00 ? 323 ALA C C   1 
ATOM 575 O O   . ALA A 1 80  ? 3.235   -8.424  -13.380 1.00 30.00 ? 323 ALA C O   1 
ATOM 576 C CB  . ALA A 1 80  ? 4.704   -10.601 -15.144 1.00 20.00 ? 323 ALA C CB  1 
ATOM 577 N N   . SER A 1 81  ? 3.858   -7.449  -15.304 1.00 30.00 ? 324 SER C N   1 
ATOM 578 C CA  . SER A 1 81  ? 2.900   -6.362  -15.180 1.00 30.00 ? 324 SER C CA  1 
ATOM 579 C C   . SER A 1 81  ? 1.458   -6.848  -15.097 1.00 30.00 ? 324 SER C C   1 
ATOM 580 O O   . SER A 1 81  ? 1.026   -7.672  -15.899 1.00 30.00 ? 324 SER C O   1 
ATOM 581 C CB  . SER A 1 81  ? 3.057   -5.412  -16.356 1.00 20.00 ? 324 SER C CB  1 
ATOM 582 O OG  . SER A 1 81  ? 2.754   -6.073  -17.571 1.00 20.00 ? 324 SER C OG  1 
ATOM 583 N N   . THR A 1 82  ? 0.716   -6.297  -14.137 1.00 30.00 ? 325 THR C N   1 
ATOM 584 C CA  . THR A 1 82  ? -0.683  -6.650  -13.895 1.00 30.00 ? 325 THR C CA  1 
ATOM 585 C C   . THR A 1 82  ? -1.447  -5.472  -13.312 1.00 30.00 ? 325 THR C C   1 
ATOM 586 O O   . THR A 1 82  ? -0.855  -4.476  -12.904 1.00 30.00 ? 325 THR C O   1 
ATOM 587 C CB  . THR A 1 82  ? -0.848  -7.830  -12.907 1.00 20.00 ? 325 THR C CB  1 
ATOM 588 O OG1 . THR A 1 82  ? -0.210  -7.508  -11.667 1.00 20.00 ? 325 THR C OG1 1 
ATOM 589 C CG2 . THR A 1 82  ? -0.272  -9.128  -13.462 1.00 20.00 ? 325 THR C CG2 1 
ATOM 590 N N   . THR A 1 83  ? -2.769  -5.591  -13.290 1.00 30.00 ? 326 THR C N   1 
ATOM 591 C CA  . THR A 1 83  ? -3.615  -4.636  -12.595 1.00 30.00 ? 326 THR C CA  1 
ATOM 592 C C   . THR A 1 83  ? -3.586  -4.876  -11.090 1.00 30.00 ? 326 THR C C   1 
ATOM 593 O O   . THR A 1 83  ? -3.656  -6.015  -10.639 1.00 30.00 ? 326 THR C O   1 
ATOM 594 C CB  . THR A 1 83  ? -5.064  -4.719  -13.085 1.00 20.00 ? 326 THR C CB  1 
ATOM 595 O OG1 . THR A 1 83  ? -5.572  -6.034  -12.841 1.00 20.00 ? 326 THR C OG1 1 
ATOM 596 C CG2 . THR A 1 83  ? -5.130  -4.434  -14.573 1.00 20.00 ? 326 THR C CG2 1 
ATOM 597 N N   . PRO A 1 84  ? -3.476  -3.796  -10.309 1.00 30.00 ? 327 PRO C N   1 
ATOM 598 C CA  . PRO A 1 84  ? -3.546  -3.844  -8.846  1.00 30.00 ? 327 PRO C CA  1 
ATOM 599 C C   . PRO A 1 84  ? -4.898  -4.332  -8.355  1.00 30.00 ? 327 PRO C C   1 
ATOM 600 O O   . PRO A 1 84  ? -5.909  -4.028  -8.978  1.00 30.00 ? 327 PRO C O   1 
ATOM 601 C CB  . PRO A 1 84  ? -3.325  -2.388  -8.439  1.00 20.00 ? 327 PRO C CB  1 
ATOM 602 C CG  . PRO A 1 84  ? -2.571  -1.798  -9.573  1.00 20.00 ? 327 PRO C CG  1 
ATOM 603 C CD  . PRO A 1 84  ? -3.141  -2.451  -10.793 1.00 20.00 ? 327 PRO C CD  1 
ATOM 604 N N   . SER A 1 85  ? -4.920  -5.067  -7.250  1.00 30.00 ? 328 SER C N   1 
ATOM 605 C CA  . SER A 1 85  ? -6.173  -5.588  -6.723  1.00 30.00 ? 328 SER C CA  1 
ATOM 606 C C   . SER A 1 85  ? -6.044  -5.979  -5.257  1.00 30.00 ? 328 SER C C   1 
ATOM 607 O O   . SER A 1 85  ? -4.957  -6.326  -4.806  1.00 30.00 ? 328 SER C O   1 
ATOM 608 C CB  . SER A 1 85  ? -6.622  -6.785  -7.550  1.00 20.00 ? 328 SER C CB  1 
ATOM 609 O OG  . SER A 1 85  ? -5.651  -7.814  -7.500  1.00 20.00 ? 328 SER C OG  1 
ATOM 610 N N   . VAL A 1 86  ? -7.147  -5.932  -4.512  1.00 30.00 ? 329 VAL C N   1 
ATOM 611 C CA  . VAL A 1 86  ? -7.067  -6.208  -3.076  1.00 30.00 ? 329 VAL C CA  1 
ATOM 612 C C   . VAL A 1 86  ? -8.159  -7.110  -2.538  1.00 30.00 ? 329 VAL C C   1 
ATOM 613 O O   . VAL A 1 86  ? -9.342  -6.817  -2.677  1.00 30.00 ? 329 VAL C O   1 
ATOM 614 C CB  . VAL A 1 86  ? -7.120  -4.918  -2.265  1.00 20.00 ? 329 VAL C CB  1 
ATOM 615 C CG1 . VAL A 1 86  ? -7.225  -5.244  -0.793  1.00 20.00 ? 329 VAL C CG1 1 
ATOM 616 C CG2 . VAL A 1 86  ? -5.897  -4.075  -2.537  1.00 20.00 ? 329 VAL C CG2 1 
ATOM 617 N N   . ILE A 1 87  ? -7.766  -8.191  -1.880  1.00 30.00 ? 330 ILE C N   1 
ATOM 618 C CA  . ILE A 1 87  ? -8.754  -9.089  -1.304  1.00 30.00 ? 330 ILE C CA  1 
ATOM 619 C C   . ILE A 1 87  ? -8.884  -8.728  0.156   1.00 30.00 ? 330 ILE C C   1 
ATOM 620 O O   . ILE A 1 87  ? -7.889  -8.339  0.752   1.00 30.00 ? 330 ILE C O   1 
ATOM 621 C CB  . ILE A 1 87  ? -8.334  -10.553 -1.454  1.00 20.00 ? 330 ILE C CB  1 
ATOM 622 C CG1 . ILE A 1 87  ? -8.235  -10.924 -2.931  1.00 20.00 ? 330 ILE C CG1 1 
ATOM 623 C CG2 . ILE A 1 87  ? -9.319  -11.471 -0.771  1.00 20.00 ? 330 ILE C CG2 1 
ATOM 624 C CD1 . ILE A 1 87  ? -7.601  -12.275 -3.171  1.00 20.00 ? 330 ILE C CD1 1 
ATOM 625 N N   . TRP A 1 88  ? -10.073 -8.829  0.757   1.00 30.00 ? 331 TRP C N   1 
ATOM 626 C CA  . TRP A 1 88  ? -10.099 -8.646  2.216   1.00 30.00 ? 331 TRP C CA  1 
ATOM 627 C C   . TRP A 1 88  ? -11.299 -9.294  2.902   1.00 30.00 ? 331 TRP C C   1 
ATOM 628 O O   . TRP A 1 88  ? -12.219 -9.751  2.237   1.00 30.00 ? 331 TRP C O   1 
ATOM 629 C CB  . TRP A 1 88  ? -10.077 -7.168  2.564   1.00 20.00 ? 331 TRP C CB  1 
ATOM 630 C CG  . TRP A 1 88  ? -11.379 -6.518  2.476   1.00 20.00 ? 331 TRP C CG  1 
ATOM 631 C CD1 . TRP A 1 88  ? -12.023 -6.110  1.357   1.00 20.00 ? 331 TRP C CD1 1 
ATOM 632 C CD2 . TRP A 1 88  ? -12.186 -6.119  3.581   1.00 20.00 ? 331 TRP C CD2 1 
ATOM 633 N NE1 . TRP A 1 88  ? -13.210 -5.513  1.693   1.00 20.00 ? 331 TRP C NE1 1 
ATOM 634 C CE2 . TRP A 1 88  ? -13.328 -5.501  3.058   1.00 20.00 ? 331 TRP C CE2 1 
ATOM 635 C CE3 . TRP A 1 88  ? -12.057 -6.230  4.962   1.00 20.00 ? 331 TRP C CE3 1 
ATOM 636 C CZ2 . TRP A 1 88  ? -14.336 -5.005  3.866   1.00 20.00 ? 331 TRP C CZ2 1 
ATOM 637 C CZ3 . TRP A 1 88  ? -13.056 -5.744  5.762   1.00 20.00 ? 331 TRP C CZ3 1 
ATOM 638 C CH2 . TRP A 1 88  ? -14.179 -5.135  5.217   1.00 20.00 ? 331 TRP C CH2 1 
ATOM 639 N N   . THR A 1 89  ? -11.285 -9.334  4.231   1.00 30.00 ? 332 THR C N   1 
ATOM 640 C CA  . THR A 1 89  ? -12.364 -9.992  4.971   1.00 30.00 ? 332 THR C CA  1 
ATOM 641 C C   . THR A 1 89  ? -12.732 -9.265  6.253   1.00 30.00 ? 332 THR C C   1 
ATOM 642 O O   . THR A 1 89  ? -11.966 -8.463  6.763   1.00 30.00 ? 332 THR C O   1 
ATOM 643 C CB  . THR A 1 89  ? -12.003 -11.434 5.372   1.00 20.00 ? 332 THR C CB  1 
ATOM 644 O OG1 . THR A 1 89  ? -10.849 -11.416 6.217   1.00 20.00 ? 332 THR C OG1 1 
ATOM 645 C CG2 . THR A 1 89  ? -11.713 -12.287 4.158   1.00 20.00 ? 332 THR C CG2 1 
ATOM 646 N N   . GLY A 1 90  ? -13.905 -9.574  6.782   1.00 30.00 ? 333 GLY C N   1 
ATOM 647 C CA  . GLY A 1 90  ? -14.352 -8.998  8.031   1.00 30.00 ? 333 GLY C CA  1 
ATOM 648 C C   . GLY A 1 90  ? -15.851 -8.849  7.970   1.00 30.00 ? 333 GLY C C   1 
ATOM 649 O O   . GLY A 1 90  ? -16.473 -9.254  6.993   1.00 30.00 ? 333 GLY C O   1 
ATOM 650 N N   . SER A 1 91  ? -16.441 -8.270  9.007   1.00 30.00 ? 334 SER C N   1 
ATOM 651 C CA  . SER A 1 91  ? -17.867 -7.999  8.994   1.00 30.00 ? 334 SER C CA  1 
ATOM 652 C C   . SER A 1 91  ? -18.224 -6.998  7.906   1.00 30.00 ? 334 SER C C   1 
ATOM 653 O O   . SER A 1 91  ? -17.498 -6.033  7.686   1.00 30.00 ? 334 SER C O   1 
ATOM 654 C CB  . SER A 1 91  ? -18.320 -7.468  10.349  1.00 20.00 ? 334 SER C CB  1 
ATOM 655 O OG  . SER A 1 91  ? -17.724 -6.212  10.617  1.00 20.00 ? 334 SER C OG  1 
ATOM 656 N N   . THR A 1 92  ? -19.342 -7.225  7.228   1.00 30.00 ? 335 THR C N   1 
ATOM 657 C CA  . THR A 1 92  ? -19.863 -6.252  6.283   1.00 30.00 ? 335 THR C CA  1 
ATOM 658 C C   . THR A 1 92  ? -21.275 -5.888  6.699   1.00 30.00 ? 335 THR C C   1 
ATOM 659 O O   . THR A 1 92  ? -21.807 -6.457  7.651   1.00 30.00 ? 335 THR C O   1 
ATOM 660 C CB  . THR A 1 92  ? -19.873 -6.771  4.845   1.00 20.00 ? 335 THR C CB  1 
ATOM 661 O OG1 . THR A 1 92  ? -20.702 -7.933  4.761   1.00 20.00 ? 335 THR C OG1 1 
ATOM 662 C CG2 . THR A 1 92  ? -18.477 -7.136  4.408   1.00 20.00 ? 335 THR C CG2 1 
ATOM 663 N N   . GLY A 1 93  ? -21.881 -4.941  5.995   1.00 30.00 ? 336 GLY C N   1 
ATOM 664 C CA  . GLY A 1 93  ? -23.194 -4.471  6.388   1.00 30.00 ? 336 GLY C CA  1 
ATOM 665 C C   . GLY A 1 93  ? -23.870 -3.529  5.419   1.00 30.00 ? 336 GLY C C   1 
ATOM 666 O O   . GLY A 1 93  ? -23.392 -3.295  4.309   1.00 30.00 ? 336 GLY C O   1 
ATOM 667 N N   . ALA A 1 94  ? -25.004 -2.994  5.859   1.00 30.00 ? 337 ALA C N   1 
ATOM 668 C CA  . ALA A 1 94  ? -25.837 -2.135  5.033   1.00 30.00 ? 337 ALA C CA  1 
ATOM 669 C C   . ALA A 1 94  ? -25.126 -0.856  4.633   1.00 30.00 ? 337 ALA C C   1 
ATOM 670 O O   . ALA A 1 94  ? -25.338 -0.335  3.543   1.00 30.00 ? 337 ALA C O   1 
ATOM 671 C CB  . ALA A 1 94  ? -27.134 -1.809  5.760   1.00 20.00 ? 337 ALA C CB  1 
ATOM 672 N N   . THR A 1 95  ? -24.333 -0.337  5.563   1.00 30.00 ? 338 THR C N   1 
ATOM 673 C CA  . THR A 1 95  ? -23.572 0.867   5.319   1.00 30.00 ? 338 THR C CA  1 
ATOM 674 C C   . THR A 1 95  ? -22.230 0.859   6.035   1.00 30.00 ? 338 THR C C   1 
ATOM 675 O O   . THR A 1 95  ? -22.166 1.045   7.250   1.00 30.00 ? 338 THR C O   1 
ATOM 676 C CB  . THR A 1 95  ? -24.357 2.123   5.742   1.00 20.00 ? 338 THR C CB  1 
ATOM 677 O OG1 . THR A 1 95  ? -25.587 2.191   5.008   1.00 20.00 ? 338 THR C OG1 1 
ATOM 678 C CG2 . THR A 1 95  ? -23.540 3.377   5.474   1.00 20.00 ? 338 THR C CG2 1 
ATOM 679 N N   . LEU A 1 96  ? -21.156 0.673   5.279   1.00 30.00 ? 339 LEU C N   1 
ATOM 680 C CA  . LEU A 1 96  ? -19.820 0.735   5.835   1.00 30.00 ? 339 LEU C CA  1 
ATOM 681 C C   . LEU A 1 96  ? -18.866 1.063   4.709   1.00 30.00 ? 339 LEU C C   1 
ATOM 682 O O   . LEU A 1 96  ? -18.213 0.181   4.161   1.00 30.00 ? 339 LEU C O   1 
ATOM 683 C CB  . LEU A 1 96  ? -19.436 -0.582  6.513   1.00 20.00 ? 339 LEU C CB  1 
ATOM 684 C CG  . LEU A 1 96  ? -20.224 -0.950  7.772   1.00 20.00 ? 339 LEU C CG  1 
ATOM 685 C CD1 . LEU A 1 96  ? -19.844 -2.342  8.255   1.00 20.00 ? 339 LEU C CD1 1 
ATOM 686 C CD2 . LEU A 1 96  ? -20.002 0.081   8.868   1.00 20.00 ? 339 LEU C CD2 1 
ATOM 687 N N   . THR A 1 97  ? -18.811 2.341   4.359   1.00 30.00 ? 340 THR C N   1 
ATOM 688 C CA  . THR A 1 97  ? -18.040 2.799   3.213   1.00 30.00 ? 340 THR C CA  1 
ATOM 689 C C   . THR A 1 97  ? -16.551 2.583   3.406   1.00 30.00 ? 340 THR C C   1 
ATOM 690 O O   . THR A 1 97  ? -16.035 2.728   4.508   1.00 30.00 ? 340 THR C O   1 
ATOM 691 C CB  . THR A 1 97  ? -18.280 4.281   2.951   1.00 20.00 ? 340 THR C CB  1 
ATOM 692 O OG1 . THR A 1 97  ? -17.859 5.035   4.091   1.00 20.00 ? 340 THR C OG1 1 
ATOM 693 C CG2 . THR A 1 97  ? -19.755 4.526   2.713   1.00 20.00 ? 340 THR C CG2 1 
ATOM 694 N N   . MET A 1 98  ? -15.862 2.245   2.324   1.00 30.00 ? 341 MET C N   1 
ATOM 695 C CA  . MET A 1 98  ? -14.444 1.925   2.394   1.00 30.00 ? 341 MET C CA  1 
ATOM 696 C C   . MET A 1 98  ? -13.619 2.848   1.519   1.00 30.00 ? 341 MET C C   1 
ATOM 697 O O   . MET A 1 98  ? -14.053 3.234   0.437   1.00 30.00 ? 341 MET C O   1 
ATOM 698 C CB  . MET A 1 98  ? -14.212 0.474   1.976   1.00 20.00 ? 341 MET C CB  1 
ATOM 699 C CG  . MET A 1 98  ? -12.775 0.027   2.070   1.00 20.00 ? 341 MET C CG  1 
ATOM 700 S SD  . MET A 1 98  ? -12.188 -0.021  3.765   1.00 20.00 ? 341 MET C SD  1 
ATOM 701 C CE  . MET A 1 98  ? -13.023 -1.489  4.348   1.00 20.00 ? 341 MET C CE  1 
ATOM 702 N N   . ALA A 1 99  ? -12.423 3.185   1.985   1.00 30.00 ? 342 ALA C N   1 
ATOM 703 C CA  . ALA A 1 99  ? -11.500 3.988   1.201   1.00 30.00 ? 342 ALA C CA  1 
ATOM 704 C C   . ALA A 1 99  ? -10.088 3.436   1.325   1.00 30.00 ? 342 ALA C C   1 
ATOM 705 O O   . ALA A 1 99  ? -9.544  3.338   2.438   1.00 30.00 ? 342 ALA C O   1 
ATOM 706 C CB  . ALA A 1 99  ? -11.547 5.424   1.646   1.00 30.00 ? 342 ALA C CB  1 
ATOM 707 N N   . VAL A 1 100 ? -9.503  3.063   0.185   1.00 30.00 ? 343 VAL C N   1 
ATOM 708 C CA  . VAL A 1 100 ? -8.182  2.439   0.191   1.00 30.00 ? 343 VAL C CA  1 
ATOM 709 C C   . VAL A 1 100 ? -7.265  2.936   -0.915  1.00 30.00 ? 343 VAL C C   1 
ATOM 710 O O   . VAL A 1 100 ? -7.654  3.000   -2.080  1.00 30.00 ? 343 VAL C O   1 
ATOM 711 C CB  . VAL A 1 100 ? -8.284  0.919   0.061   1.00 20.00 ? 343 VAL C CB  1 
ATOM 712 C CG1 . VAL A 1 100 ? -6.916  0.316   -0.124  1.00 20.00 ? 343 VAL C CG1 1 
ATOM 713 C CG2 . VAL A 1 100 ? -8.935  0.334   1.286   1.00 20.00 ? 343 VAL C CG2 1 
ATOM 714 N N   . ASN A 1 101 ? -6.032  3.256   -0.547  1.00 30.00 ? 344 ASN C N   1 
ATOM 715 C CA  . ASN A 1 101 ? -5.082  3.788   -1.498  1.00 30.00 ? 344 ASN C CA  1 
ATOM 716 C C   . ASN A 1 101 ? -3.753  3.050   -1.460  1.00 30.00 ? 344 ASN C C   1 
ATOM 717 O O   . ASN A 1 101 ? -3.181  2.839   -0.393  1.00 30.00 ? 344 ASN C O   1 
ATOM 718 C CB  . ASN A 1 101 ? -4.857  5.266   -1.225  1.00 20.00 ? 344 ASN C CB  1 
ATOM 719 C CG  . ASN A 1 101 ? -6.111  6.084   -1.401  1.00 20.00 ? 344 ASN C CG  1 
ATOM 720 O OD1 . ASN A 1 101 ? -7.017  5.696   -2.126  1.00 20.00 ? 344 ASN C OD1 1 
ATOM 721 N ND2 . ASN A 1 101 ? -6.175  7.219   -0.726  1.00 20.00 ? 344 ASN C ND2 1 
ATOM 722 N N   . ILE A 1 102 ? -3.279  2.645   -2.628  1.00 30.00 ? 345 ILE C N   1 
ATOM 723 C CA  . ILE A 1 102 ? -1.934  2.110   -2.759  1.00 30.00 ? 345 ILE C CA  1 
ATOM 724 C C   . ILE A 1 102 ? -1.014  3.126   -3.386  1.00 30.00 ? 345 ILE C C   1 
ATOM 725 O O   . ILE A 1 102 ? -1.317  3.679   -4.441  1.00 30.00 ? 345 ILE C O   1 
ATOM 726 C CB  . ILE A 1 102 ? -1.898  0.861   -3.623  1.00 20.00 ? 345 ILE C CB  1 
ATOM 727 C CG1 . ILE A 1 102 ? -2.609  -0.285  -2.927  1.00 20.00 ? 345 ILE C CG1 1 
ATOM 728 C CG2 . ILE A 1 102 ? -0.472  0.466   -3.908  1.00 20.00 ? 345 ILE C CG2 1 
ATOM 729 C CD1 . ILE A 1 102 ? -4.001  -0.486  -3.399  1.00 20.00 ? 345 ILE C CD1 1 
ATOM 730 N N   . ILE A 1 103 ? 0.127   3.356   -2.759  1.00 30.00 ? 346 ILE C N   1 
ATOM 731 C CA  . ILE A 1 103 ? 1.126   4.205   -3.380  1.00 30.00 ? 346 ILE C CA  1 
ATOM 732 C C   . ILE A 1 103 ? 2.417   3.439   -3.543  1.00 30.00 ? 346 ILE C C   1 
ATOM 733 O O   . ILE A 1 103 ? 2.941   2.892   -2.585  1.00 30.00 ? 346 ILE C O   1 
ATOM 734 C CB  . ILE A 1 103 ? 1.395   5.462   -2.562  1.00 20.00 ? 346 ILE C CB  1 
ATOM 735 C CG1 . ILE A 1 103 ? 0.138   6.319   -2.492  1.00 20.00 ? 346 ILE C CG1 1 
ATOM 736 C CG2 . ILE A 1 103 ? 2.507   6.258   -3.181  1.00 20.00 ? 346 ILE C CG2 1 
ATOM 737 C CD1 . ILE A 1 103 ? -0.623  6.134   -1.220  1.00 20.00 ? 346 ILE C CD1 1 
ATOM 738 N N   . CYS A 1 104 ? 2.941   3.395   -4.761  1.00 30.00 ? 347 CYS C N   1 
ATOM 739 C CA  . CYS A 1 104 ? 4.189   2.692   -4.966  1.00 30.00 ? 347 CYS C CA  1 
ATOM 740 C C   . CYS A 1 104 ? 5.173   3.513   -5.775  1.00 30.00 ? 347 CYS C C   1 
ATOM 741 O O   . CYS A 1 104 ? 4.791   4.272   -6.672  1.00 30.00 ? 347 CYS C O   1 
ATOM 742 C CB  . CYS A 1 104 ? 3.938   1.350   -5.633  1.00 20.00 ? 347 CYS C CB  1 
ATOM 743 S SG  . CYS A 1 104 ? 3.019   1.463   -7.163  1.00 20.00 ? 347 CYS C SG  1 
ATOM 744 N N   . LYS A 1 105 ? 6.450   3.336   -5.452  1.00 30.00 ? 348 LYS C N   1 
ATOM 745 C CA  . LYS A 1 105 ? 7.508   4.139   -6.023  1.00 30.00 ? 348 LYS C CA  1 
ATOM 746 C C   . LYS A 1 105 ? 8.547   3.250   -6.654  1.00 30.00 ? 348 LYS C C   1 
ATOM 747 O O   . LYS A 1 105 ? 8.832   2.175   -6.141  1.00 30.00 ? 348 LYS C O   1 
ATOM 748 C CB  . LYS A 1 105 ? 8.183   4.973   -4.948  1.00 20.00 ? 348 LYS C CB  1 
ATOM 749 C CG  . LYS A 1 105 ? 7.274   5.904   -4.222  1.00 20.00 ? 348 LYS C CG  1 
ATOM 750 C CD  . LYS A 1 105 ? 8.017   6.529   -3.075  1.00 20.00 ? 348 LYS C CD  1 
ATOM 751 C CE  . LYS A 1 105 ? 7.121   7.439   -2.279  1.00 20.00 ? 348 LYS C CE  1 
ATOM 752 N NZ  . LYS A 1 105 ? 7.819   7.981   -1.082  1.00 20.00 ? 348 LYS C NZ  1 
ATOM 753 N N   . PRO A 1 106 ? 9.129   3.695   -7.770  1.00 30.00 ? 349 PRO C N   1 
ATOM 754 C CA  . PRO A 1 106 ? 10.295  3.001   -8.297  1.00 30.00 ? 349 PRO C CA  1 
ATOM 755 C C   . PRO A 1 106 ? 11.434  3.118   -7.308  1.00 30.00 ? 349 PRO C C   1 
ATOM 756 O O   . PRO A 1 106 ? 11.549  4.145   -6.648  1.00 30.00 ? 349 PRO C O   1 
ATOM 757 C CB  . PRO A 1 106 ? 10.595  3.756   -9.585  1.00 20.00 ? 349 PRO C CB  1 
ATOM 758 C CG  . PRO A 1 106 ? 10.085  5.114   -9.329  1.00 20.00 ? 349 PRO C CG  1 
ATOM 759 C CD  . PRO A 1 106 ? 8.850   4.933   -8.508  1.00 20.00 ? 349 PRO C CD  1 
ATOM 760 N N   . ILE A 1 107 ? 12.259  2.089   -7.190  1.00 30.00 ? 350 ILE C N   1 
ATOM 761 C CA  . ILE A 1 107 ? 13.448  2.203   -6.369  1.00 30.00 ? 350 ILE C CA  1 
ATOM 762 C C   . ILE A 1 107 ? 14.586  2.721   -7.212  1.00 30.00 ? 350 ILE C C   1 
ATOM 763 O O   . ILE A 1 107 ? 14.888  2.173   -8.262  1.00 30.00 ? 350 ILE C O   1 
ATOM 764 C CB  . ILE A 1 107 ? 13.836  0.877   -5.751  1.00 20.00 ? 350 ILE C CB  1 
ATOM 765 C CG1 . ILE A 1 107 ? 12.795  0.463   -4.723  1.00 20.00 ? 350 ILE C CG1 1 
ATOM 766 C CG2 . ILE A 1 107 ? 15.173  0.985   -5.079  1.00 20.00 ? 350 ILE C CG2 1 
ATOM 767 C CD1 . ILE A 1 107 ? 13.018  -0.912  -4.198  1.00 20.00 ? 350 ILE C CD1 1 
ATOM 768 N N   . THR A 1 108 ? 15.220  3.782   -6.745  1.00 30.00 ? 351 THR C N   1 
ATOM 769 C CA  . THR A 1 108 ? 16.287  4.422   -7.489  1.00 30.00 ? 351 THR C CA  1 
ATOM 770 C C   . THR A 1 108 ? 17.468  4.658   -6.586  1.00 30.00 ? 351 THR C C   1 
ATOM 771 O O   . THR A 1 108 ? 17.313  4.740   -5.372  1.00 30.00 ? 351 THR C O   1 
ATOM 772 C CB  . THR A 1 108 ? 15.842  5.758   -8.075  1.00 20.00 ? 351 THR C CB  1 
ATOM 773 O OG1 . THR A 1 108 ? 15.425  6.623   -7.013  1.00 20.00 ? 351 THR C OG1 1 
ATOM 774 C CG2 . THR A 1 108 ? 14.691  5.557   -9.032  1.00 20.00 ? 351 THR C CG2 1 
ATOM 775 N N   . PRO A 1 109 ? 18.665  4.751   -7.162  1.00 30.00 ? 352 PRO C N   1 
ATOM 776 C CA  . PRO A 1 109 ? 19.794  5.155   -6.331  1.00 30.00 ? 352 PRO C CA  1 
ATOM 777 C C   . PRO A 1 109 ? 19.585  6.556   -5.792  1.00 30.00 ? 352 PRO C C   1 
ATOM 778 O O   . PRO A 1 109 ? 18.995  7.386   -6.480  1.00 30.00 ? 352 PRO C O   1 
ATOM 779 C CB  . PRO A 1 109 ? 20.968  5.112   -7.304  1.00 20.00 ? 352 PRO C CB  1 
ATOM 780 C CG  . PRO A 1 109 ? 20.344  5.341   -8.633  1.00 20.00 ? 352 PRO C CG  1 
ATOM 781 C CD  . PRO A 1 109 ? 19.053  4.590   -8.571  1.00 20.00 ? 352 PRO C CD  1 
ATOM 782 N N   . THR A 1 110 ? 20.041  6.811   -4.576  1.00 30.00 ? 353 THR C N   1 
ATOM 783 C CA  . THR A 1 110 ? 19.946  8.141   -4.002  1.00 30.00 ? 353 THR C CA  1 
ATOM 784 C C   . THR A 1 110 ? 21.158  8.956   -4.404  1.00 30.00 ? 353 THR C C   1 
ATOM 785 O O   . THR A 1 110 ? 22.271  8.438   -4.425  1.00 30.00 ? 353 THR C O   1 
ATOM 786 C CB  . THR A 1 110 ? 19.862  8.079   -2.482  1.00 20.00 ? 353 THR C CB  1 
ATOM 787 O OG1 . THR A 1 110 ? 18.740  7.277   -2.106  1.00 20.00 ? 353 THR C OG1 1 
ATOM 788 C CG2 . THR A 1 110 ? 19.685  9.461   -1.909  1.00 20.00 ? 353 THR C CG2 1 
ATOM 789 N N   . SER A 1 111 ? 20.955  10.223  -4.741  1.00 30.00 ? 354 SER C N   1 
ATOM 790 C CA  . SER A 1 111 ? 22.088  11.098  -4.995  1.00 30.00 ? 354 SER C CA  1 
ATOM 791 C C   . SER A 1 111 ? 22.713  11.465  -3.667  1.00 30.00 ? 354 SER C C   1 
ATOM 792 O O   . SER A 1 111 ? 22.023  11.535  -2.656  1.00 30.00 ? 354 SER C O   1 
ATOM 793 C CB  . SER A 1 111 ? 21.666  12.353  -5.745  1.00 20.00 ? 354 SER C CB  1 
ATOM 794 O OG  . SER A 1 111 ? 20.840  13.163  -4.935  1.00 20.00 ? 354 SER C OG  1 
ATOM 795 N N   . VAL A 1 112 ? 24.014  11.715  -3.666  1.00 30.00 ? 355 VAL C N   1 
ATOM 796 C CA  . VAL A 1 112 ? 24.715  12.085  -2.444  1.00 30.00 ? 355 VAL C CA  1 
ATOM 797 C C   . VAL A 1 112 ? 25.673  13.224  -2.688  1.00 30.00 ? 355 VAL C C   1 
ATOM 798 O O   . VAL A 1 112 ? 26.034  13.519  -3.825  1.00 30.00 ? 355 VAL C O   1 
ATOM 799 C CB  . VAL A 1 112 ? 25.518  10.920  -1.862  1.00 20.00 ? 355 VAL C CB  1 
ATOM 800 C CG1 . VAL A 1 112 ? 24.598  9.817   -1.406  1.00 20.00 ? 355 VAL C CG1 1 
ATOM 801 C CG2 . VAL A 1 112 ? 26.492  10.405  -2.892  1.00 20.00 ? 355 VAL C CG2 1 
ATOM 802 N N   . ALA A 1 113 ? 26.071  13.867  -1.596  1.00 30.00 ? 356 ALA C N   1 
ATOM 803 C CA  . ALA A 1 113 ? 27.089  14.906  -1.606  1.00 30.00 ? 356 ALA C CA  1 
ATOM 804 C C   . ALA A 1 113 ? 28.161  14.499  -0.602  1.00 30.00 ? 356 ALA C C   1 
ATOM 805 O O   . ALA A 1 113 ? 27.842  14.015  0.484   1.00 30.00 ? 356 ALA C O   1 
ATOM 806 C CB  . ALA A 1 113 ? 26.488  16.249  -1.234  1.00 20.00 ? 356 ALA C CB  1 
ATOM 807 N N   . ILE A 1 114 ? 29.424  14.701  -0.957  1.00 30.00 ? 357 ILE C N   1 
ATOM 808 C CA  . ILE A 1 114 ? 30.513  14.246  -0.104  1.00 30.00 ? 357 ILE C CA  1 
ATOM 809 C C   . ILE A 1 114 ? 31.044  15.368  0.777   1.00 30.00 ? 357 ILE C C   1 
ATOM 810 O O   . ILE A 1 114 ? 31.429  16.431  0.289   1.00 30.00 ? 357 ILE C O   1 
ATOM 811 C CB  . ILE A 1 114 ? 31.675  13.667  -0.935  1.00 20.00 ? 357 ILE C CB  1 
ATOM 812 C CG1 . ILE A 1 114 ? 31.178  12.522  -1.820  1.00 20.00 ? 357 ILE C CG1 1 
ATOM 813 C CG2 . ILE A 1 114 ? 32.797  13.196  -0.024  1.00 20.00 ? 357 ILE C CG2 1 
ATOM 814 C CD1 . ILE A 1 114 ? 30.556  11.379  -1.048  1.00 20.00 ? 357 ILE C CD1 1 
ATOM 815 N N   . SER A 1 115 ? 31.219  15.078  2.061   1.00 30.00 ? 358 SER C N   1 
ATOM 816 C CA  . SER A 1 115 ? 31.808  16.042  2.990   1.00 30.00 ? 358 SER C CA  1 
ATOM 817 C C   . SER A 1 115 ? 33.143  15.563  3.579   1.00 30.00 ? 358 SER C C   1 
ATOM 818 O O   . SER A 1 115 ? 33.366  14.363  3.736   1.00 30.00 ? 358 SER C O   1 
ATOM 819 C CB  . SER A 1 115 ? 30.825  16.371  4.116   1.00 20.00 ? 358 SER C CB  1 
ATOM 820 O OG  . SER A 1 115 ? 29.676  17.032  3.614   1.00 20.00 ? 358 SER C OG  1 
ATOM 821 N N   . GLY A 1 116 ? 34.020  16.513  3.907   1.00 30.00 ? 359 GLY C N   1 
ATOM 822 C CA  . GLY A 1 116 ? 35.301  16.216  4.533   1.00 30.00 ? 359 GLY C CA  1 
ATOM 823 C C   . GLY A 1 116 ? 36.520  15.942  3.661   1.00 30.00 ? 359 GLY C C   1 
ATOM 824 O O   . GLY A 1 116 ? 37.578  15.579  4.176   1.00 30.00 ? 359 GLY C O   1 
ATOM 825 N N   . GLN A 1 117 ? 36.385  16.115  2.351   1.00 30.00 ? 360 GLN C N   1 
ATOM 826 C CA  . GLN A 1 117 ? 37.491  15.921  1.418   1.00 30.00 ? 360 GLN C CA  1 
ATOM 827 C C   . GLN A 1 117 ? 38.733  16.694  1.860   1.00 30.00 ? 360 GLN C C   1 
ATOM 828 O O   . GLN A 1 117 ? 38.614  17.725  2.526   1.00 30.00 ? 360 GLN C O   1 
ATOM 829 C CB  . GLN A 1 117 ? 37.077  16.351  0.007   1.00 20.00 ? 360 GLN C CB  1 
ATOM 830 C CG  . GLN A 1 117 ? 36.006  15.476  -0.624  1.00 20.00 ? 360 GLN C CG  1 
ATOM 831 C CD  . GLN A 1 117 ? 35.573  15.974  -1.987  1.00 20.00 ? 360 GLN C CD  1 
ATOM 832 O OE1 . GLN A 1 117 ? 35.692  17.159  -2.294  1.00 20.00 ? 360 GLN C OE1 1 
ATOM 833 N NE2 . GLN A 1 117 ? 35.062  15.067  -2.813  1.00 20.00 ? 360 GLN C NE2 1 
ATOM 834 N N   . PRO A 1 118 ? 39.922  16.220  1.497   1.00 30.00 ? 361 PRO C N   1 
ATOM 835 C CA  . PRO A 1 118 ? 40.108  14.980  0.733   1.00 30.00 ? 361 PRO C CA  1 
ATOM 836 C C   . PRO A 1 118 ? 39.861  13.715  1.553   1.00 30.00 ? 361 PRO C C   1 
ATOM 837 O O   . PRO A 1 118 ? 39.983  13.727  2.778   1.00 30.00 ? 361 PRO C O   1 
ATOM 838 C CB  . PRO A 1 118 ? 41.578  15.053  0.313   1.00 20.00 ? 361 PRO C CB  1 
ATOM 839 C CG  . PRO A 1 118 ? 42.226  15.871  1.376   1.00 20.00 ? 361 PRO C CG  1 
ATOM 840 C CD  . PRO A 1 118 ? 41.201  16.888  1.792   1.00 20.00 ? 361 PRO C CD  1 
ATOM 841 N N   . ILE A 1 119 ? 39.540  12.619  0.872   1.00 30.00 ? 362 ILE C N   1 
ATOM 842 C CA  . ILE A 1 119 ? 39.180  11.378  1.554   1.00 30.00 ? 362 ILE C CA  1 
ATOM 843 C C   . ILE A 1 119 ? 40.291  10.333  1.496   1.00 30.00 ? 362 ILE C C   1 
ATOM 844 O O   . ILE A 1 119 ? 40.819  10.024  0.427   1.00 30.00 ? 362 ILE C O   1 
ATOM 845 C CB  . ILE A 1 119 ? 37.891  10.769  0.971   1.00 20.00 ? 362 ILE C CB  1 
ATOM 846 C CG1 . ILE A 1 119 ? 36.741  11.775  1.055   1.00 20.00 ? 362 ILE C CG1 1 
ATOM 847 C CG2 . ILE A 1 119 ? 37.534  9.481   1.697   1.00 20.00 ? 362 ILE C CG2 1 
ATOM 848 C CD1 . ILE A 1 119 ? 36.432  12.233  2.464   1.00 20.00 ? 362 ILE C CD1 1 
ATOM 849 N N   . TRP A 1 120 ? 40.637  9.795   2.662   1.00 30.00 ? 363 TRP C N   1 
ATOM 850 C CA  . TRP A 1 120 ? 41.701  8.805   2.786   1.00 30.00 ? 363 TRP C CA  1 
ATOM 851 C C   . TRP A 1 120 ? 41.361  7.477   2.112   1.00 30.00 ? 363 TRP C C   1 
ATOM 852 O O   . TRP A 1 120 ? 40.210  7.041   2.112   1.00 30.00 ? 363 TRP C O   1 
ATOM 853 C CB  . TRP A 1 120 ? 42.038  8.568   4.260   1.00 20.00 ? 363 TRP C CB  1 
ATOM 854 C CG  . TRP A 1 120 ? 43.421  8.035   4.483   1.00 20.00 ? 363 TRP C CG  1 
ATOM 855 C CD1 . TRP A 1 120 ? 44.423  7.949   3.561   1.00 20.00 ? 363 TRP C CD1 1 
ATOM 856 C CD2 . TRP A 1 120 ? 43.954  7.515   5.707   1.00 20.00 ? 363 TRP C CD2 1 
ATOM 857 N NE1 . TRP A 1 120 ? 45.547  7.407   4.135   1.00 20.00 ? 363 TRP C NE1 1 
ATOM 858 C CE2 . TRP A 1 120 ? 45.286  7.132   5.451   1.00 20.00 ? 363 TRP C CE2 1 
ATOM 859 C CE3 . TRP A 1 120 ? 43.436  7.335   6.993   1.00 20.00 ? 363 TRP C CE3 1 
ATOM 860 C CZ2 . TRP A 1 120 ? 46.105  6.581   6.435   1.00 20.00 ? 363 TRP C CZ2 1 
ATOM 861 C CZ3 . TRP A 1 120 ? 44.250  6.788   7.966   1.00 20.00 ? 363 TRP C CZ3 1 
ATOM 862 C CH2 . TRP A 1 120 ? 45.569  6.417   7.683   1.00 20.00 ? 363 TRP C CH2 1 
ATOM 863 N N   . THR A 1 121 ? 42.379  6.844   1.539   1.00 30.00 ? 364 THR C N   1 
ATOM 864 C CA  . THR A 1 121 ? 42.229  5.546   0.881   1.00 30.00 ? 364 THR C CA  1 
ATOM 865 C C   . THR A 1 121 ? 43.566  4.816   0.787   1.00 30.00 ? 364 THR C C   1 
ATOM 866 O O   . THR A 1 121 ? 44.614  5.443   0.635   1.00 30.00 ? 364 THR C O   1 
ATOM 867 C CB  . THR A 1 121 ? 41.651  5.680   -0.552  1.00 20.00 ? 364 THR C CB  1 
ATOM 868 O OG1 . THR A 1 121 ? 42.491  6.540   -1.331  1.00 20.00 ? 364 THR C OG1 1 
ATOM 869 C CG2 . THR A 1 121 ? 40.228  6.230   -0.537  1.00 20.00 ? 364 THR C CG2 1 
ATOM 870 N N   . THR A 1 122 ? 43.523  3.491   0.877   1.00 30.00 ? 365 THR C N   1 
ATOM 871 C CA  . THR A 1 122 ? 44.711  2.675   0.651   1.00 30.00 ? 365 THR C CA  1 
ATOM 872 C C   . THR A 1 122 ? 44.388  1.501   -0.278  1.00 30.00 ? 365 THR C C   1 
ATOM 873 O O   . THR A 1 122 ? 43.285  0.955   -0.234  1.00 30.00 ? 365 THR C O   1 
ATOM 874 C CB  . THR A 1 122 ? 45.294  2.150   1.991   1.00 20.00 ? 365 THR C CB  1 
ATOM 875 O OG1 . THR A 1 122 ? 46.544  1.488   1.759   1.00 20.00 ? 365 THR C OG1 1 
ATOM 876 C CG2 . THR A 1 122 ? 44.326  1.192   2.674   1.00 20.00 ? 365 THR C CG2 1 
ATOM 877 N N   . PRO A 1 123 ? 45.341  1.132   -1.150  1.00 30.00 ? 366 PRO C N   1 
ATOM 878 C CA  . PRO A 1 123 ? 45.196  -0.056  -2.001  1.00 30.00 ? 366 PRO C CA  1 
ATOM 879 C C   . PRO A 1 123 ? 45.004  -1.355  -1.219  1.00 30.00 ? 366 PRO C C   1 
ATOM 880 O O   . PRO A 1 123 ? 44.305  -2.255  -1.680  1.00 30.00 ? 366 PRO C O   1 
ATOM 881 C CB  . PRO A 1 123 ? 46.511  -0.080  -2.791  1.00 20.00 ? 366 PRO C CB  1 
ATOM 882 C CG  . PRO A 1 123 ? 47.473  0.685   -1.943  1.00 20.00 ? 366 PRO C CG  1 
ATOM 883 C CD  . PRO A 1 123 ? 46.648  1.783   -1.347  1.00 20.00 ? 366 PRO C CD  1 
ATOM 884 N N   . TYR A 1 124 ? 45.626  -1.440  -0.047  1.00 30.00 ? 367 TYR C N   1 
ATOM 885 C CA  . TYR A 1 124 ? 45.611  -2.664  0.746   1.00 30.00 ? 367 TYR C CA  1 
ATOM 886 C C   . TYR A 1 124 ? 44.247  -2.959  1.361   1.00 30.00 ? 367 TYR C C   1 
ATOM 887 O O   . TYR A 1 124 ? 43.519  -2.048  1.758   1.00 30.00 ? 367 TYR C O   1 
ATOM 888 C CB  . TYR A 1 124 ? 46.669  -2.592  1.847   1.00 20.00 ? 367 TYR C CB  1 
ATOM 889 C CG  . TYR A 1 124 ? 48.089  -2.542  1.328   1.00 20.00 ? 367 TYR C CG  1 
ATOM 890 C CD1 . TYR A 1 124 ? 48.790  -3.710  1.053   1.00 20.00 ? 367 TYR C CD1 1 
ATOM 891 C CD2 . TYR A 1 124 ? 48.730  -1.328  1.111   1.00 20.00 ? 367 TYR C CD2 1 
ATOM 892 C CE1 . TYR A 1 124 ? 50.089  -3.669  0.577   1.00 20.00 ? 367 TYR C CE1 1 
ATOM 893 C CE2 . TYR A 1 124 ? 50.026  -1.278  0.636   1.00 20.00 ? 367 TYR C CE2 1 
ATOM 894 C CZ  . TYR A 1 124 ? 50.700  -2.453  0.374   1.00 20.00 ? 367 TYR C CZ  1 
ATOM 895 O OH  . TYR A 1 124 ? 51.991  -2.406  -0.101  1.00 20.00 ? 367 TYR C OH  1 
ATOM 896 N N   . ALA A 1 125 ? 43.909  -4.242  1.431   1.00 30.00 ? 368 ALA C N   1 
ATOM 897 C CA  . ALA A 1 125 ? 42.683  -4.687  2.082   1.00 30.00 ? 368 ALA C CA  1 
ATOM 898 C C   . ALA A 1 125 ? 42.781  -4.522  3.596   1.00 30.00 ? 368 ALA C C   1 
ATOM 899 O O   . ALA A 1 125 ? 43.854  -4.700  4.174   1.00 30.00 ? 368 ALA C O   1 
ATOM 900 C CB  . ALA A 1 125 ? 42.391  -6.138  1.719   1.00 30.00 ? 368 ALA C CB  1 
ATOM 901 N N   . PRO A 1 126 ? 41.655  -4.181  4.247   1.00 30.00 ? 369 PRO C N   1 
ATOM 902 C CA  . PRO A 1 126 ? 41.636  -4.024  5.704   1.00 30.00 ? 369 PRO C CA  1 
ATOM 903 C C   . PRO A 1 126 ? 41.778  -5.357  6.435   1.00 30.00 ? 369 PRO C C   1 
ATOM 904 O O   . PRO A 1 126 ? 41.033  -5.603  7.381   1.00 30.00 ? 369 PRO C O   1 
ATOM 905 C CB  . PRO A 1 126 ? 40.264  -3.401  5.968   1.00 20.00 ? 369 PRO C CB  1 
ATOM 906 C CG  . PRO A 1 126 ? 39.422  -3.878  4.835   1.00 20.00 ? 369 PRO C CG  1 
ATOM 907 C CD  . PRO A 1 126 ? 40.338  -3.916  3.644   1.00 20.00 ? 369 PRO C CD  1 
# 
